data_4E3X
#
_entry.id   4E3X
#
_cell.length_a   84.980
_cell.length_b   93.878
_cell.length_c   132.406
_cell.angle_alpha   90.000
_cell.angle_beta   90.000
_cell.angle_gamma   90.000
#
_symmetry.space_group_name_H-M   'P 21 21 21'
#
loop_
_entity.id
_entity.type
_entity.pdbx_description
1 polymer 'Delta-1-pyrroline-5-carboxylate dehydrogenase, mitochondrial'
2 non-polymer PROLINE
3 non-polymer 3,6,9,12,15,18-HEXAOXAICOSANE
4 non-polymer 'TRIETHYLENE GLYCOL'
5 water water
#
_entity_poly.entity_id   1
_entity_poly.type   'polypeptide(L)'
_entity_poly.pdbx_seq_one_letter_code
;MGSSHHHHHHSSGLVPRGSHMLRWKHTSSLKVANEPILAFSQGSPERDALQKALKDLKGQTEAIPCVVGDEEVWTSDIQY
QLSPFNHAHKVAKFCYADKALLNRAIDAALAARKEWDLKPMADRAQVFLKAADMLSGPRRAEVLAKTMVGQGKTVIQAEI
DAAAELIDFFRFNAKFAVELEGEQPISVPPSTNHTVYRGLEGFVAAISPFNFTAIGGNLAGAPALMGNVVLWKPSDTAML
ASYAVYRILREAGLPPNIIQFVPADGPTFGDTVTSSEHLCGINFTGSVPTFKHLWRQVAQNLDRFRTFPRLAGECGGKNF
HFVHSSADVDSVVSGTLRSAFEYGGQKCSACSRLYVPKSLWPQIKGRLLEEHSRIKVGDPAEDFGTFFSAVIDAKAFARI
KKWLEHARSSPSLSILAGGQCNESVGYYVEPCIIESKDPQEPIMKEEIFGPVLTVYVYPDDKYRETLKLVDSTTSYGLTG
AVFAQDKAIVQEATRMLRNAAGNFYINDKSTGSVVGQQPFGGARASGTNDKPGGPHYILRWTSPQVIKETHKPLGDWRYS
YMQ
;
_entity_poly.pdbx_strand_id   A,B
#
loop_
_chem_comp.id
_chem_comp.type
_chem_comp.name
_chem_comp.formula
16P non-polymer 3,6,9,12,15,18-HEXAOXAICOSANE 'C14 H30 O6'
PGE non-polymer 'TRIETHYLENE GLYCOL' 'C6 H14 O4'
#
# COMPACT_ATOMS: atom_id res chain seq x y z
N HIS A 20 0.92 -34.31 7.44
CA HIS A 20 1.12 -33.30 6.42
C HIS A 20 -0.11 -33.17 5.52
N MET A 21 -1.13 -32.47 6.00
CA MET A 21 -2.36 -32.26 5.25
C MET A 21 -2.09 -31.44 4.00
N LEU A 22 -1.27 -30.41 4.13
CA LEU A 22 -0.92 -29.55 3.00
C LEU A 22 0.54 -29.74 2.59
N ARG A 23 0.78 -29.70 1.29
CA ARG A 23 2.14 -29.81 0.76
C ARG A 23 2.38 -28.66 -0.19
N TRP A 24 3.44 -27.91 0.05
CA TRP A 24 3.74 -26.72 -0.73
C TRP A 24 4.84 -26.99 -1.75
N LYS A 25 4.49 -26.90 -3.03
CA LYS A 25 5.44 -27.13 -4.10
C LYS A 25 6.52 -26.05 -4.10
N HIS A 26 7.77 -26.47 -4.27
CA HIS A 26 8.90 -25.54 -4.27
C HIS A 26 8.80 -24.54 -5.40
N THR A 27 8.96 -23.26 -5.07
CA THR A 27 8.88 -22.19 -6.06
C THR A 27 10.20 -22.00 -6.79
N SER A 28 10.14 -21.86 -8.11
CA SER A 28 11.33 -21.66 -8.92
C SER A 28 11.61 -20.18 -9.13
N SER A 29 12.64 -19.88 -9.92
CA SER A 29 13.00 -18.49 -10.21
C SER A 29 12.85 -18.18 -11.69
N LEU A 30 12.66 -16.91 -12.00
CA LEU A 30 12.48 -16.47 -13.38
C LEU A 30 13.59 -15.48 -13.75
N LYS A 31 14.27 -15.73 -14.86
CA LYS A 31 15.32 -14.82 -15.32
C LYS A 31 14.80 -13.98 -16.48
N VAL A 32 14.81 -12.66 -16.31
CA VAL A 32 14.40 -11.77 -17.39
C VAL A 32 15.38 -10.61 -17.51
N ALA A 33 15.41 -10.00 -18.69
CA ALA A 33 16.18 -8.79 -18.91
C ALA A 33 15.34 -7.83 -19.73
N ASN A 34 15.75 -6.57 -19.78
CA ASN A 34 15.01 -5.57 -20.53
C ASN A 34 14.98 -5.86 -22.03
N GLU A 35 13.86 -5.53 -22.66
CA GLU A 35 13.72 -5.70 -24.10
C GLU A 35 14.63 -4.70 -24.81
N PRO A 36 15.36 -5.16 -25.85
CA PRO A 36 16.18 -4.22 -26.62
C PRO A 36 15.32 -3.14 -27.28
N ILE A 37 15.84 -1.91 -27.30
CA ILE A 37 15.24 -0.82 -28.05
C ILE A 37 15.85 -0.83 -29.44
N LEU A 38 15.02 -0.94 -30.46
CA LEU A 38 15.53 -1.06 -31.83
C LEU A 38 15.86 0.30 -32.43
N ALA A 39 16.78 0.33 -33.39
CA ALA A 39 17.25 1.58 -33.95
C ALA A 39 16.51 2.00 -35.22
N PHE A 40 15.83 1.04 -35.86
CA PHE A 40 15.07 1.32 -37.08
C PHE A 40 15.90 1.95 -38.19
N SER A 41 17.10 1.43 -38.40
CA SER A 41 17.96 1.94 -39.47
CA SER A 41 17.98 1.91 -39.47
C SER A 41 17.41 1.55 -40.84
N GLN A 42 17.87 2.25 -41.86
CA GLN A 42 17.46 1.94 -43.22
C GLN A 42 17.85 0.51 -43.58
N GLY A 43 16.91 -0.25 -44.12
CA GLY A 43 17.16 -1.63 -44.50
C GLY A 43 17.08 -2.61 -43.33
N SER A 44 16.72 -2.13 -42.14
CA SER A 44 16.56 -3.03 -41.00
C SER A 44 15.24 -3.78 -41.10
N PRO A 45 15.18 -4.99 -40.53
CA PRO A 45 13.91 -5.74 -40.55
C PRO A 45 12.80 -4.96 -39.84
N GLU A 46 13.13 -4.29 -38.74
CA GLU A 46 12.07 -3.63 -37.98
C GLU A 46 11.52 -2.39 -38.69
N ARG A 47 12.37 -1.67 -39.43
CA ARG A 47 11.88 -0.51 -40.16
C ARG A 47 10.97 -0.96 -41.30
N ASP A 48 11.37 -2.03 -41.99
CA ASP A 48 10.52 -2.59 -43.04
C ASP A 48 9.16 -3.03 -42.50
N ALA A 49 9.17 -3.73 -41.37
CA ALA A 49 7.94 -4.23 -40.78
C ALA A 49 7.05 -3.07 -40.33
N LEU A 50 7.66 -2.04 -39.75
CA LEU A 50 6.88 -0.90 -39.29
C LEU A 50 6.24 -0.13 -40.45
N GLN A 51 6.99 0.05 -41.53
CA GLN A 51 6.44 0.72 -42.69
C GLN A 51 5.23 -0.03 -43.25
N LYS A 52 5.31 -1.36 -43.26
CA LYS A 52 4.19 -2.18 -43.69
C LYS A 52 3.00 -2.01 -42.75
N ALA A 53 3.26 -2.04 -41.44
CA ALA A 53 2.17 -1.92 -40.47
C ALA A 53 1.50 -0.55 -40.53
N LEU A 54 2.28 0.49 -40.83
CA LEU A 54 1.69 1.82 -40.99
C LEU A 54 0.81 1.86 -42.22
N LYS A 55 1.27 1.25 -43.31
CA LYS A 55 0.47 1.15 -44.53
C LYS A 55 -0.83 0.38 -44.26
N ASP A 56 -0.77 -0.64 -43.41
CA ASP A 56 -1.93 -1.44 -43.03
C ASP A 56 -3.01 -0.64 -42.29
N LEU A 57 -2.64 0.52 -41.75
CA LEU A 57 -3.59 1.35 -41.00
C LEU A 57 -4.10 2.53 -41.80
N LYS A 58 -3.41 2.85 -42.88
CA LYS A 58 -3.80 3.98 -43.72
C LYS A 58 -5.25 3.85 -44.21
N GLY A 59 -6.05 4.86 -43.91
CA GLY A 59 -7.45 4.86 -44.32
C GLY A 59 -8.35 3.84 -43.62
N GLN A 60 -7.84 3.16 -42.60
CA GLN A 60 -8.63 2.14 -41.92
C GLN A 60 -9.30 2.65 -40.66
N THR A 61 -10.54 2.20 -40.42
CA THR A 61 -11.23 2.38 -39.15
C THR A 61 -11.55 1.01 -38.58
N GLU A 62 -11.08 0.71 -37.38
CA GLU A 62 -11.47 -0.52 -36.70
C GLU A 62 -12.69 -0.27 -35.81
N ALA A 63 -13.69 -1.14 -35.95
CA ALA A 63 -14.85 -1.12 -35.07
C ALA A 63 -14.53 -1.96 -33.84
N ILE A 64 -14.31 -1.29 -32.72
CA ILE A 64 -13.84 -1.89 -31.48
C ILE A 64 -14.99 -1.98 -30.49
N PRO A 65 -15.42 -3.21 -30.16
CA PRO A 65 -16.54 -3.40 -29.25
C PRO A 65 -16.10 -3.35 -27.79
N CYS A 66 -17.06 -3.24 -26.87
CA CYS A 66 -16.79 -3.62 -25.50
C CYS A 66 -16.66 -5.15 -25.48
N VAL A 67 -15.83 -5.68 -24.60
CA VAL A 67 -15.71 -7.13 -24.48
C VAL A 67 -15.97 -7.55 -23.04
N VAL A 68 -17.03 -8.34 -22.87
CA VAL A 68 -17.37 -8.91 -21.58
C VAL A 68 -17.30 -10.42 -21.76
N GLY A 69 -16.37 -11.06 -21.05
CA GLY A 69 -16.11 -12.46 -21.31
C GLY A 69 -15.55 -12.62 -22.71
N ASP A 70 -16.26 -13.35 -23.56
CA ASP A 70 -15.91 -13.47 -24.97
C ASP A 70 -16.92 -12.74 -25.85
N GLU A 71 -17.88 -12.06 -25.22
CA GLU A 71 -18.95 -11.37 -25.93
C GLU A 71 -18.52 -9.97 -26.40
N GLU A 72 -18.65 -9.71 -27.69
CA GLU A 72 -18.45 -8.38 -28.25
C GLU A 72 -19.76 -7.61 -28.17
N VAL A 73 -19.78 -6.56 -27.36
CA VAL A 73 -21.01 -5.83 -27.09
C VAL A 73 -20.97 -4.42 -27.65
N TRP A 74 -22.05 -4.05 -28.33
CA TRP A 74 -22.22 -2.69 -28.82
C TRP A 74 -23.38 -2.00 -28.11
N THR A 75 -23.16 -0.76 -27.71
CA THR A 75 -24.23 0.10 -27.25
C THR A 75 -24.49 1.15 -28.33
N SER A 76 -25.51 1.96 -28.15
CA SER A 76 -25.83 3.00 -29.11
C SER A 76 -24.96 4.26 -28.92
N ASP A 77 -24.13 4.26 -27.89
CA ASP A 77 -23.32 5.42 -27.54
C ASP A 77 -21.99 5.38 -28.29
N ILE A 78 -22.06 5.59 -29.60
CA ILE A 78 -20.92 5.45 -30.50
C ILE A 78 -19.95 6.61 -30.38
N GLN A 79 -18.66 6.28 -30.36
CA GLN A 79 -17.58 7.25 -30.25
C GLN A 79 -16.53 6.98 -31.32
N TYR A 80 -15.71 7.98 -31.63
CA TYR A 80 -14.61 7.81 -32.57
C TYR A 80 -13.28 8.25 -31.98
N GLN A 81 -12.24 7.50 -32.30
CA GLN A 81 -10.87 7.91 -32.02
C GLN A 81 -10.30 8.48 -33.32
N LEU A 82 -9.73 9.68 -33.26
CA LEU A 82 -9.20 10.36 -34.43
C LEU A 82 -7.68 10.34 -34.42
N SER A 83 -7.06 10.28 -35.59
CA SER A 83 -5.60 10.37 -35.66
C SER A 83 -5.20 11.82 -35.34
N PRO A 84 -4.34 12.02 -34.33
CA PRO A 84 -4.10 13.40 -33.89
C PRO A 84 -3.53 14.32 -34.96
N PHE A 85 -2.74 13.79 -35.88
CA PHE A 85 -2.09 14.58 -36.89
C PHE A 85 -2.90 14.65 -38.19
N ASN A 86 -4.02 13.94 -38.22
CA ASN A 86 -4.93 14.00 -39.36
C ASN A 86 -6.31 13.62 -38.85
N HIS A 87 -6.98 14.58 -38.23
CA HIS A 87 -8.18 14.24 -37.48
C HIS A 87 -9.39 13.88 -38.34
N ALA A 88 -9.26 14.01 -39.66
CA ALA A 88 -10.22 13.46 -40.61
C ALA A 88 -10.20 11.93 -40.61
N HIS A 89 -9.08 11.35 -40.19
CA HIS A 89 -8.92 9.90 -40.14
C HIS A 89 -9.50 9.39 -38.81
N LYS A 90 -10.64 8.73 -38.90
CA LYS A 90 -11.22 8.04 -37.76
C LYS A 90 -10.55 6.67 -37.68
N VAL A 91 -9.63 6.50 -36.73
CA VAL A 91 -8.86 5.26 -36.66
C VAL A 91 -9.65 4.14 -35.98
N ALA A 92 -10.63 4.52 -35.17
CA ALA A 92 -11.48 3.53 -34.51
C ALA A 92 -12.86 4.08 -34.27
N LYS A 93 -13.84 3.19 -34.38
CA LYS A 93 -15.20 3.43 -33.93
C LYS A 93 -15.41 2.51 -32.74
N PHE A 94 -15.83 3.07 -31.61
CA PHE A 94 -16.05 2.26 -30.42
C PHE A 94 -17.34 2.72 -29.76
N CYS A 95 -17.62 2.22 -28.56
CA CYS A 95 -18.82 2.69 -27.87
C CYS A 95 -18.60 2.74 -26.36
N TYR A 96 -19.40 3.54 -25.69
CA TYR A 96 -19.34 3.65 -24.24
C TYR A 96 -20.26 2.62 -23.60
N ALA A 97 -19.72 1.83 -22.66
CA ALA A 97 -20.53 0.90 -21.88
C ALA A 97 -21.44 1.70 -20.98
N ASP A 98 -22.72 1.35 -20.93
CA ASP A 98 -23.62 2.01 -20.00
C ASP A 98 -23.56 1.34 -18.63
N LYS A 99 -24.27 1.92 -17.65
CA LYS A 99 -24.25 1.40 -16.30
C LYS A 99 -24.64 -0.08 -16.26
N ALA A 100 -25.66 -0.44 -17.02
CA ALA A 100 -26.14 -1.82 -17.04
C ALA A 100 -25.06 -2.77 -17.55
N LEU A 101 -24.38 -2.38 -18.63
CA LEU A 101 -23.33 -3.23 -19.19
C LEU A 101 -22.15 -3.35 -18.22
N LEU A 102 -21.75 -2.23 -17.61
CA LEU A 102 -20.67 -2.25 -16.62
C LEU A 102 -21.03 -3.20 -15.47
N ASN A 103 -22.27 -3.17 -15.02
CA ASN A 103 -22.70 -4.04 -13.93
C ASN A 103 -22.70 -5.51 -14.33
N ARG A 104 -23.11 -5.81 -15.58
CA ARG A 104 -23.01 -7.18 -16.10
C ARG A 104 -21.55 -7.62 -16.18
N ALA A 105 -20.68 -6.70 -16.55
CA ALA A 105 -19.26 -6.99 -16.64
C ALA A 105 -18.68 -7.35 -15.27
N ILE A 106 -19.10 -6.59 -14.24
CA ILE A 106 -18.71 -6.89 -12.86
C ILE A 106 -19.18 -8.29 -12.46
N ASP A 107 -20.46 -8.58 -12.70
CA ASP A 107 -21.01 -9.88 -12.31
C ASP A 107 -20.24 -11.03 -12.95
N ALA A 108 -19.95 -10.91 -14.24
CA ALA A 108 -19.28 -11.99 -14.95
C ALA A 108 -17.83 -12.15 -14.50
N ALA A 109 -17.16 -11.04 -14.23
CA ALA A 109 -15.79 -11.07 -13.73
C ALA A 109 -15.73 -11.74 -12.35
N LEU A 110 -16.66 -11.38 -11.47
CA LEU A 110 -16.64 -11.93 -10.11
C LEU A 110 -16.81 -13.45 -10.14
N ALA A 111 -17.60 -13.94 -11.09
CA ALA A 111 -17.85 -15.38 -11.17
C ALA A 111 -16.65 -16.16 -11.72
N ALA A 112 -15.72 -15.45 -12.36
CA ALA A 112 -14.52 -16.07 -12.89
C ALA A 112 -13.33 -15.95 -11.93
N ARG A 113 -13.45 -15.13 -10.90
CA ARG A 113 -12.30 -14.74 -10.09
C ARG A 113 -11.67 -15.87 -9.28
N LYS A 114 -12.49 -16.67 -8.60
CA LYS A 114 -11.96 -17.66 -7.69
C LYS A 114 -11.07 -18.67 -8.41
N GLU A 115 -11.52 -19.15 -9.56
CA GLU A 115 -10.73 -20.10 -10.33
C GLU A 115 -9.39 -19.51 -10.78
N TRP A 116 -9.41 -18.27 -11.23
CA TRP A 116 -8.21 -17.58 -11.67
C TRP A 116 -7.23 -17.36 -10.50
N ASP A 117 -7.77 -16.92 -9.37
CA ASP A 117 -6.99 -16.69 -8.16
C ASP A 117 -6.34 -17.98 -7.66
N LEU A 118 -7.02 -19.11 -7.85
CA LEU A 118 -6.50 -20.41 -7.41
C LEU A 118 -5.43 -20.99 -8.34
N LYS A 119 -5.31 -20.44 -9.54
CA LYS A 119 -4.24 -20.88 -10.43
C LYS A 119 -2.88 -20.62 -9.82
N PRO A 120 -1.92 -21.54 -10.03
CA PRO A 120 -0.54 -21.27 -9.62
C PRO A 120 -0.03 -19.97 -10.22
N MET A 121 0.74 -19.21 -9.45
CA MET A 121 1.29 -17.94 -9.92
C MET A 121 2.04 -18.11 -11.24
N ALA A 122 2.78 -19.22 -11.37
CA ALA A 122 3.55 -19.49 -12.59
C ALA A 122 2.66 -19.60 -13.82
N ASP A 123 1.45 -20.14 -13.64
CA ASP A 123 0.54 -20.30 -14.78
C ASP A 123 -0.03 -18.97 -15.21
N ARG A 124 -0.32 -18.09 -14.25
CA ARG A 124 -0.77 -16.75 -14.61
C ARG A 124 0.38 -15.99 -15.27
N ALA A 125 1.59 -16.14 -14.72
CA ALA A 125 2.76 -15.47 -15.27
C ALA A 125 3.01 -15.86 -16.72
N GLN A 126 2.76 -17.13 -17.04
CA GLN A 126 2.98 -17.63 -18.39
C GLN A 126 2.18 -16.86 -19.44
N VAL A 127 0.97 -16.45 -19.10
CA VAL A 127 0.15 -15.67 -20.02
C VAL A 127 0.86 -14.38 -20.40
N PHE A 128 1.39 -13.69 -19.40
CA PHE A 128 2.10 -12.44 -19.61
C PHE A 128 3.45 -12.59 -20.29
N LEU A 129 4.15 -13.69 -20.00
CA LEU A 129 5.40 -13.98 -20.70
C LEU A 129 5.15 -14.27 -22.18
N LYS A 130 4.09 -15.01 -22.47
CA LYS A 130 3.71 -15.29 -23.87
C LYS A 130 3.33 -14.00 -24.58
N ALA A 131 2.53 -13.16 -23.92
CA ALA A 131 2.13 -11.88 -24.49
C ALA A 131 3.37 -11.03 -24.79
N ALA A 132 4.32 -11.00 -23.87
CA ALA A 132 5.55 -10.26 -24.06
C ALA A 132 6.32 -10.73 -25.30
N ASP A 133 6.41 -12.04 -25.49
CA ASP A 133 7.09 -12.55 -26.65
C ASP A 133 6.35 -12.22 -27.95
N MET A 134 5.03 -12.20 -27.89
CA MET A 134 4.25 -11.80 -29.06
C MET A 134 4.52 -10.34 -29.42
N LEU A 135 4.51 -9.49 -28.40
CA LEU A 135 4.80 -8.07 -28.57
C LEU A 135 6.21 -7.83 -29.09
N SER A 136 7.16 -8.64 -28.63
CA SER A 136 8.56 -8.48 -29.02
C SER A 136 8.76 -8.82 -30.49
N GLY A 137 8.07 -9.87 -30.95
CA GLY A 137 8.26 -10.39 -32.28
C GLY A 137 7.14 -10.08 -33.24
N PRO A 138 6.20 -11.00 -33.41
CA PRO A 138 5.22 -10.90 -34.50
C PRO A 138 4.24 -9.74 -34.39
N ARG A 139 4.01 -9.20 -33.20
CA ARG A 139 3.03 -8.13 -33.04
C ARG A 139 3.67 -6.76 -32.81
N ARG A 140 5.00 -6.68 -32.83
CA ARG A 140 5.70 -5.44 -32.53
C ARG A 140 5.28 -4.31 -33.47
N ALA A 141 5.35 -4.58 -34.77
CA ALA A 141 5.06 -3.54 -35.76
C ALA A 141 3.62 -3.04 -35.63
N GLU A 142 2.70 -3.96 -35.36
CA GLU A 142 1.30 -3.63 -35.17
C GLU A 142 1.07 -2.66 -34.00
N VAL A 143 1.60 -2.99 -32.84
CA VAL A 143 1.33 -2.15 -31.68
C VAL A 143 2.05 -0.81 -31.82
N LEU A 144 3.23 -0.80 -32.45
CA LEU A 144 3.91 0.46 -32.70
C LEU A 144 3.08 1.33 -33.64
N ALA A 145 2.66 0.74 -34.75
CA ALA A 145 1.92 1.50 -35.76
C ALA A 145 0.61 2.05 -35.17
N LYS A 146 -0.06 1.25 -34.35
CA LYS A 146 -1.34 1.69 -33.81
C LYS A 146 -1.16 2.82 -32.80
N THR A 147 -0.02 2.81 -32.11
CA THR A 147 0.32 3.86 -31.16
C THR A 147 0.72 5.15 -31.92
N MET A 148 1.44 4.98 -33.03
CA MET A 148 1.80 6.13 -33.87
C MET A 148 0.56 6.79 -34.46
N VAL A 149 -0.26 6.00 -35.13
CA VAL A 149 -1.39 6.55 -35.86
C VAL A 149 -2.51 7.02 -34.94
N GLY A 150 -2.75 6.27 -33.86
CA GLY A 150 -3.84 6.58 -32.95
C GLY A 150 -3.51 7.61 -31.88
N GLN A 151 -2.26 7.64 -31.42
CA GLN A 151 -1.86 8.55 -30.34
C GLN A 151 -0.88 9.64 -30.82
N GLY A 152 -0.46 9.57 -32.07
CA GLY A 152 0.42 10.59 -32.64
C GLY A 152 1.89 10.46 -32.28
N LYS A 153 2.32 9.29 -31.84
CA LYS A 153 3.72 9.09 -31.49
C LYS A 153 4.62 8.93 -32.71
N THR A 154 5.87 9.38 -32.56
CA THR A 154 6.90 9.04 -33.54
C THR A 154 7.38 7.61 -33.35
N VAL A 155 8.15 7.12 -34.32
CA VAL A 155 8.69 5.76 -34.29
C VAL A 155 9.33 5.44 -32.94
N ILE A 156 10.26 6.28 -32.49
CA ILE A 156 10.99 5.96 -31.28
C ILE A 156 10.11 6.07 -30.04
N GLN A 157 9.22 7.05 -29.99
CA GLN A 157 8.31 7.15 -28.85
C GLN A 157 7.38 5.94 -28.76
N ALA A 158 6.93 5.43 -29.90
CA ALA A 158 6.09 4.24 -29.90
C ALA A 158 6.92 3.02 -29.47
N GLU A 159 8.16 2.94 -29.96
CA GLU A 159 9.04 1.81 -29.66
C GLU A 159 9.35 1.69 -28.17
N ILE A 160 9.63 2.81 -27.51
CA ILE A 160 9.99 2.73 -26.09
C ILE A 160 8.77 2.45 -25.22
N ASP A 161 7.59 2.66 -25.78
CA ASP A 161 6.32 2.54 -25.07
C ASP A 161 5.62 1.21 -25.35
N ALA A 162 4.97 1.11 -26.50
CA ALA A 162 4.13 -0.04 -26.84
C ALA A 162 4.92 -1.33 -26.98
N ALA A 163 6.21 -1.23 -27.31
CA ALA A 163 7.08 -2.40 -27.31
C ALA A 163 7.83 -2.48 -25.98
N ALA A 164 8.93 -1.74 -25.86
CA ALA A 164 9.84 -1.97 -24.74
C ALA A 164 9.23 -1.87 -23.34
N GLU A 165 8.57 -0.77 -23.03
CA GLU A 165 8.02 -0.62 -21.68
C GLU A 165 6.94 -1.66 -21.37
N LEU A 166 6.04 -1.88 -22.32
CA LEU A 166 4.96 -2.84 -22.11
C LEU A 166 5.52 -4.25 -21.94
N ILE A 167 6.40 -4.64 -22.84
CA ILE A 167 7.08 -5.93 -22.75
C ILE A 167 7.79 -6.08 -21.40
N ASP A 168 8.49 -5.04 -20.98
CA ASP A 168 9.19 -5.06 -19.70
C ASP A 168 8.24 -5.18 -18.51
N PHE A 169 7.13 -4.45 -18.51
CA PHE A 169 6.15 -4.61 -17.44
C PHE A 169 5.72 -6.07 -17.35
N PHE A 170 5.40 -6.67 -18.49
CA PHE A 170 4.91 -8.04 -18.48
C PHE A 170 5.97 -9.02 -17.99
N ARG A 171 7.20 -8.86 -18.47
CA ARG A 171 8.24 -9.80 -18.06
C ARG A 171 8.70 -9.58 -16.62
N PHE A 172 8.99 -8.32 -16.27
CA PHE A 172 9.46 -8.03 -14.92
C PHE A 172 8.42 -8.26 -13.84
N ASN A 173 7.16 -7.84 -14.07
CA ASN A 173 6.14 -8.15 -13.07
C ASN A 173 5.96 -9.65 -12.89
N ALA A 174 6.06 -10.40 -13.98
CA ALA A 174 6.02 -11.85 -13.90
C ALA A 174 7.16 -12.37 -13.01
N LYS A 175 8.37 -11.87 -13.22
CA LYS A 175 9.52 -12.26 -12.41
C LYS A 175 9.29 -11.89 -10.94
N PHE A 176 8.85 -10.66 -10.71
CA PHE A 176 8.61 -10.20 -9.35
C PHE A 176 7.55 -11.05 -8.64
N ALA A 177 6.51 -11.45 -9.36
CA ALA A 177 5.42 -12.22 -8.78
C ALA A 177 5.84 -13.65 -8.46
N VAL A 178 6.57 -14.27 -9.38
CA VAL A 178 7.08 -15.61 -9.15
C VAL A 178 8.03 -15.59 -7.95
N GLU A 179 8.87 -14.56 -7.88
CA GLU A 179 9.84 -14.48 -6.79
C GLU A 179 9.16 -14.22 -5.45
N LEU A 180 8.07 -13.47 -5.47
CA LEU A 180 7.34 -13.16 -4.26
C LEU A 180 6.88 -14.42 -3.53
N GLU A 181 6.53 -15.45 -4.30
CA GLU A 181 6.11 -16.70 -3.68
C GLU A 181 7.22 -17.37 -2.88
N GLY A 182 8.45 -16.97 -3.14
CA GLY A 182 9.60 -17.47 -2.40
C GLY A 182 9.76 -16.76 -1.07
N GLU A 183 9.04 -15.66 -0.89
CA GLU A 183 9.07 -14.93 0.38
C GLU A 183 8.10 -15.60 1.36
N GLN A 184 8.68 -16.46 2.20
CA GLN A 184 7.90 -17.32 3.07
C GLN A 184 8.37 -17.20 4.51
N PRO A 185 7.44 -17.36 5.46
CA PRO A 185 7.82 -17.15 6.86
C PRO A 185 8.65 -18.30 7.43
N ILE A 186 9.12 -18.10 8.66
CA ILE A 186 9.83 -19.13 9.40
C ILE A 186 8.87 -20.21 9.90
N SER A 187 9.27 -21.47 9.77
CA SER A 187 8.55 -22.58 10.37
C SER A 187 9.41 -23.22 11.47
N VAL A 188 8.79 -23.48 12.62
CA VAL A 188 9.46 -24.15 13.72
C VAL A 188 8.62 -25.35 14.10
N PRO A 189 9.25 -26.53 14.23
CA PRO A 189 8.49 -27.73 14.65
C PRO A 189 7.67 -27.43 15.90
N PRO A 190 6.45 -27.97 15.99
CA PRO A 190 5.82 -28.92 15.07
C PRO A 190 4.84 -28.28 14.10
N SER A 191 5.15 -27.11 13.56
CA SER A 191 4.22 -26.44 12.66
C SER A 191 4.90 -25.97 11.38
N THR A 192 4.12 -25.89 10.31
CA THR A 192 4.59 -25.40 9.03
C THR A 192 3.75 -24.17 8.65
N ASN A 193 4.43 -23.09 8.30
CA ASN A 193 3.78 -21.85 7.91
C ASN A 193 4.01 -21.52 6.44
N HIS A 194 2.97 -21.02 5.79
CA HIS A 194 3.06 -20.69 4.38
C HIS A 194 2.21 -19.47 4.08
N THR A 195 2.77 -18.54 3.33
CA THR A 195 2.01 -17.39 2.86
C THR A 195 1.43 -17.64 1.49
N VAL A 196 0.11 -17.46 1.38
CA VAL A 196 -0.60 -17.51 0.12
C VAL A 196 -0.87 -16.09 -0.33
N TYR A 197 -0.31 -15.73 -1.47
CA TYR A 197 -0.48 -14.37 -1.99
C TYR A 197 -1.78 -14.32 -2.77
N ARG A 198 -2.89 -14.18 -2.04
CA ARG A 198 -4.23 -14.12 -2.61
C ARG A 198 -4.41 -12.85 -3.42
N GLY A 199 -5.15 -12.94 -4.51
CA GLY A 199 -5.66 -11.73 -5.15
C GLY A 199 -6.62 -11.02 -4.21
N LEU A 200 -6.95 -9.77 -4.52
CA LEU A 200 -7.97 -9.05 -3.74
C LEU A 200 -9.33 -9.66 -4.04
N GLU A 201 -10.18 -9.71 -3.02
CA GLU A 201 -11.52 -10.25 -3.17
C GLU A 201 -12.45 -9.15 -3.66
N GLY A 202 -13.00 -9.33 -4.87
CA GLY A 202 -13.80 -8.33 -5.52
C GLY A 202 -13.27 -8.11 -6.93
N PHE A 203 -13.50 -6.93 -7.49
CA PHE A 203 -12.90 -6.59 -8.78
C PHE A 203 -12.12 -5.28 -8.65
N VAL A 204 -11.16 -5.11 -9.55
CA VAL A 204 -10.33 -3.91 -9.64
C VAL A 204 -10.76 -3.10 -10.87
N ALA A 205 -10.92 -1.78 -10.71
CA ALA A 205 -11.21 -0.91 -11.84
C ALA A 205 -9.89 -0.28 -12.29
N ALA A 206 -9.53 -0.50 -13.56
CA ALA A 206 -8.31 0.08 -14.12
C ALA A 206 -8.68 1.20 -15.07
N ILE A 207 -8.13 2.40 -14.83
CA ILE A 207 -8.48 3.59 -15.59
C ILE A 207 -7.18 4.15 -16.16
N SER A 208 -6.99 4.00 -17.47
CA SER A 208 -5.69 4.30 -18.08
C SER A 208 -5.69 5.56 -18.95
N PRO A 209 -4.52 6.19 -19.13
CA PRO A 209 -4.39 7.46 -19.82
C PRO A 209 -4.03 7.29 -21.30
N PHE A 210 -4.16 8.37 -22.06
CA PHE A 210 -3.90 8.30 -23.49
C PHE A 210 -2.43 8.15 -23.83
N ASN A 211 -1.56 8.57 -22.93
CA ASN A 211 -0.22 8.97 -23.37
C ASN A 211 0.81 7.86 -23.44
N PHE A 212 0.52 6.71 -22.83
CA PHE A 212 1.37 5.52 -22.95
C PHE A 212 0.52 4.29 -23.10
N THR A 213 0.70 3.61 -24.23
CA THR A 213 0.05 2.32 -24.43
C THR A 213 0.43 1.35 -23.31
N ALA A 214 1.68 1.41 -22.87
CA ALA A 214 2.20 0.51 -21.85
C ALA A 214 1.49 0.66 -20.49
N ILE A 215 1.10 1.89 -20.14
CA ILE A 215 0.46 2.12 -18.86
C ILE A 215 -0.87 1.38 -18.77
N GLY A 216 -1.64 1.38 -19.86
CA GLY A 216 -2.89 0.64 -19.87
C GLY A 216 -2.65 -0.83 -19.64
N GLY A 217 -1.67 -1.39 -20.34
CA GLY A 217 -1.31 -2.78 -20.18
C GLY A 217 -0.94 -3.10 -18.74
N ASN A 218 -0.19 -2.21 -18.11
CA ASN A 218 0.21 -2.44 -16.72
C ASN A 218 -0.92 -2.27 -15.71
N LEU A 219 -1.72 -1.22 -15.88
CA LEU A 219 -2.80 -0.93 -14.93
C LEU A 219 -3.80 -2.07 -14.85
N ALA A 220 -4.12 -2.68 -15.99
CA ALA A 220 -5.02 -3.84 -16.01
C ALA A 220 -4.27 -5.15 -15.77
N GLY A 221 -3.09 -5.24 -16.36
CA GLY A 221 -2.34 -6.48 -16.36
C GLY A 221 -1.70 -6.87 -15.04
N ALA A 222 -1.13 -5.91 -14.33
CA ALA A 222 -0.48 -6.23 -13.06
C ALA A 222 -1.48 -6.79 -12.03
N PRO A 223 -2.66 -6.15 -11.88
CA PRO A 223 -3.62 -6.77 -10.97
C PRO A 223 -4.08 -8.15 -11.45
N ALA A 224 -4.32 -8.32 -12.75
CA ALA A 224 -4.71 -9.63 -13.26
C ALA A 224 -3.65 -10.71 -12.97
N LEU A 225 -2.37 -10.34 -13.13
CA LEU A 225 -1.28 -11.26 -12.82
C LEU A 225 -1.36 -11.78 -11.39
N MET A 226 -1.76 -10.91 -10.47
CA MET A 226 -1.81 -11.25 -9.05
C MET A 226 -3.12 -11.93 -8.65
N GLY A 227 -3.92 -12.39 -9.63
CA GLY A 227 -5.12 -13.15 -9.33
C GLY A 227 -6.40 -12.33 -9.24
N ASN A 228 -6.34 -11.07 -9.63
CA ASN A 228 -7.52 -10.21 -9.64
C ASN A 228 -8.29 -10.30 -10.94
N VAL A 229 -9.54 -9.86 -10.89
CA VAL A 229 -10.32 -9.60 -12.10
C VAL A 229 -10.53 -8.10 -12.22
N VAL A 230 -10.64 -7.63 -13.45
CA VAL A 230 -10.46 -6.21 -13.75
C VAL A 230 -11.51 -5.72 -14.73
N LEU A 231 -12.11 -4.57 -14.44
CA LEU A 231 -12.81 -3.81 -15.47
C LEU A 231 -11.84 -2.75 -15.95
N TRP A 232 -11.40 -2.86 -17.20
CA TRP A 232 -10.46 -1.92 -17.79
C TRP A 232 -11.19 -0.90 -18.65
N LYS A 233 -11.19 0.35 -18.20
CA LYS A 233 -11.65 1.47 -19.01
C LYS A 233 -10.43 2.10 -19.69
N PRO A 234 -10.20 1.78 -20.96
CA PRO A 234 -9.04 2.35 -21.64
C PRO A 234 -9.32 3.80 -22.02
N SER A 235 -8.27 4.55 -22.31
CA SER A 235 -8.46 5.93 -22.76
C SER A 235 -9.08 6.00 -24.14
N ASP A 236 -10.08 6.88 -24.30
CA ASP A 236 -10.74 7.10 -25.60
C ASP A 236 -9.73 7.37 -26.70
N THR A 237 -8.71 8.16 -26.37
CA THR A 237 -7.75 8.61 -27.36
C THR A 237 -6.58 7.63 -27.57
N ALA A 238 -6.65 6.46 -26.93
CA ALA A 238 -5.67 5.40 -27.15
C ALA A 238 -6.37 4.06 -27.44
N MET A 239 -7.60 4.13 -27.95
CA MET A 239 -8.44 2.95 -28.06
C MET A 239 -7.84 1.89 -28.97
N LEU A 240 -7.34 2.30 -30.13
CA LEU A 240 -6.82 1.38 -31.13
C LEU A 240 -5.68 0.51 -30.59
N ALA A 241 -4.67 1.14 -30.00
CA ALA A 241 -3.54 0.39 -29.45
C ALA A 241 -3.95 -0.38 -28.20
N SER A 242 -4.82 0.19 -27.38
CA SER A 242 -5.25 -0.52 -26.17
C SER A 242 -5.97 -1.82 -26.51
N TYR A 243 -6.85 -1.79 -27.51
CA TYR A 243 -7.54 -3.02 -27.90
C TYR A 243 -6.57 -4.02 -28.48
N ALA A 244 -5.53 -3.55 -29.19
CA ALA A 244 -4.54 -4.46 -29.72
C ALA A 244 -3.85 -5.22 -28.59
N VAL A 245 -3.50 -4.51 -27.52
CA VAL A 245 -2.91 -5.15 -26.34
C VAL A 245 -3.90 -6.14 -25.70
N TYR A 246 -5.15 -5.72 -25.55
CA TYR A 246 -6.17 -6.60 -25.01
C TYR A 246 -6.26 -7.92 -25.79
N ARG A 247 -6.33 -7.81 -27.12
CA ARG A 247 -6.43 -9.00 -27.97
C ARG A 247 -5.22 -9.91 -27.82
N ILE A 248 -4.03 -9.31 -27.75
CA ILE A 248 -2.83 -10.09 -27.54
C ILE A 248 -2.88 -10.88 -26.23
N LEU A 249 -3.33 -10.23 -25.15
CA LEU A 249 -3.46 -10.94 -23.87
C LEU A 249 -4.42 -12.12 -23.96
N ARG A 250 -5.56 -11.92 -24.62
CA ARG A 250 -6.51 -13.02 -24.81
C ARG A 250 -5.87 -14.15 -25.64
N GLU A 251 -5.17 -13.79 -26.70
CA GLU A 251 -4.54 -14.81 -27.54
C GLU A 251 -3.42 -15.54 -26.81
N ALA A 252 -2.78 -14.84 -25.88
CA ALA A 252 -1.71 -15.41 -25.05
C ALA A 252 -2.24 -16.35 -23.96
N GLY A 253 -3.56 -16.46 -23.85
CA GLY A 253 -4.17 -17.38 -22.92
C GLY A 253 -4.93 -16.80 -21.74
N LEU A 254 -5.14 -15.48 -21.70
CA LEU A 254 -5.93 -14.91 -20.62
C LEU A 254 -7.37 -15.40 -20.74
N PRO A 255 -7.90 -16.04 -19.69
CA PRO A 255 -9.25 -16.60 -19.79
C PRO A 255 -10.32 -15.52 -19.89
N PRO A 256 -11.53 -15.89 -20.33
CA PRO A 256 -12.61 -14.89 -20.37
C PRO A 256 -12.98 -14.39 -18.98
N ASN A 257 -13.41 -13.14 -18.92
CA ASN A 257 -13.90 -12.49 -17.69
C ASN A 257 -12.83 -12.16 -16.66
N ILE A 258 -11.57 -12.22 -17.05
CA ILE A 258 -10.49 -11.79 -16.16
C ILE A 258 -10.18 -10.31 -16.36
N ILE A 259 -10.10 -9.88 -17.62
CA ILE A 259 -10.10 -8.47 -17.92
C ILE A 259 -11.26 -8.18 -18.86
N GLN A 260 -12.16 -7.29 -18.42
CA GLN A 260 -13.26 -6.84 -19.26
C GLN A 260 -12.83 -5.55 -19.94
N PHE A 261 -13.03 -5.47 -21.25
CA PHE A 261 -12.61 -4.30 -22.02
C PHE A 261 -13.82 -3.39 -22.16
N VAL A 262 -13.86 -2.35 -21.32
CA VAL A 262 -15.07 -1.54 -21.18
C VAL A 262 -14.82 -0.03 -21.26
N PRO A 263 -14.58 0.47 -22.49
CA PRO A 263 -14.60 1.92 -22.70
C PRO A 263 -15.90 2.49 -22.15
N ALA A 264 -15.85 3.71 -21.62
CA ALA A 264 -17.02 4.32 -20.98
C ALA A 264 -16.76 5.79 -20.74
N ASP A 265 -17.84 6.54 -20.59
CA ASP A 265 -17.74 7.90 -20.09
C ASP A 265 -17.09 7.88 -18.71
N GLY A 266 -16.15 8.79 -18.47
CA GLY A 266 -15.40 8.79 -17.21
C GLY A 266 -16.27 8.83 -15.97
N PRO A 267 -17.14 9.84 -15.86
CA PRO A 267 -18.00 9.92 -14.69
C PRO A 267 -18.91 8.70 -14.53
N THR A 268 -19.49 8.22 -15.64
CA THR A 268 -20.34 7.03 -15.58
C THR A 268 -19.57 5.82 -15.06
N PHE A 269 -18.35 5.64 -15.53
CA PHE A 269 -17.53 4.51 -15.10
C PHE A 269 -17.23 4.62 -13.60
N GLY A 270 -16.75 5.79 -13.17
CA GLY A 270 -16.44 6.03 -11.78
C GLY A 270 -17.64 5.82 -10.89
N ASP A 271 -18.77 6.42 -11.27
CA ASP A 271 -20.01 6.28 -10.50
C ASP A 271 -20.40 4.81 -10.33
N THR A 272 -20.27 4.04 -11.40
CA THR A 272 -20.71 2.65 -11.38
C THR A 272 -19.80 1.77 -10.52
N VAL A 273 -18.49 1.88 -10.74
CA VAL A 273 -17.61 0.98 -9.99
C VAL A 273 -17.57 1.33 -8.50
N THR A 274 -17.68 2.61 -8.17
CA THR A 274 -17.70 3.02 -6.76
C THR A 274 -19.03 2.77 -6.07
N SER A 275 -20.04 2.36 -6.84
CA SER A 275 -21.35 1.98 -6.32
C SER A 275 -21.47 0.49 -6.04
N SER A 276 -20.49 -0.29 -6.51
CA SER A 276 -20.54 -1.73 -6.32
C SER A 276 -19.94 -2.15 -4.99
N GLU A 277 -20.67 -2.97 -4.25
CA GLU A 277 -20.15 -3.49 -2.99
C GLU A 277 -18.91 -4.36 -3.19
N HIS A 278 -18.65 -4.76 -4.43
CA HIS A 278 -17.55 -5.66 -4.74
C HIS A 278 -16.27 -4.96 -5.20
N LEU A 279 -16.27 -3.63 -5.23
CA LEU A 279 -15.05 -2.90 -5.59
C LEU A 279 -13.96 -3.15 -4.56
N CYS A 280 -12.80 -3.64 -5.00
CA CYS A 280 -11.69 -3.82 -4.07
C CYS A 280 -10.45 -3.00 -4.39
N GLY A 281 -10.43 -2.37 -5.56
CA GLY A 281 -9.27 -1.55 -5.92
C GLY A 281 -9.58 -0.66 -7.10
N ILE A 282 -8.92 0.50 -7.14
CA ILE A 282 -8.92 1.33 -8.33
C ILE A 282 -7.46 1.59 -8.68
N ASN A 283 -7.08 1.26 -9.91
CA ASN A 283 -5.73 1.50 -10.40
C ASN A 283 -5.81 2.58 -11.47
N PHE A 284 -5.37 3.77 -11.10
CA PHE A 284 -5.70 4.98 -11.84
C PHE A 284 -4.45 5.70 -12.30
N THR A 285 -4.47 6.22 -13.53
CA THR A 285 -3.48 7.21 -13.93
C THR A 285 -4.20 8.31 -14.70
N GLY A 286 -4.02 9.56 -14.26
CA GLY A 286 -4.78 10.67 -14.82
C GLY A 286 -4.63 11.92 -13.97
N SER A 287 -5.69 12.73 -13.87
CA SER A 287 -5.60 14.03 -13.21
C SER A 287 -5.77 13.94 -11.69
N VAL A 288 -5.23 14.93 -11.00
CA VAL A 288 -5.44 15.08 -9.56
C VAL A 288 -6.93 15.21 -9.19
N PRO A 289 -7.68 16.11 -9.88
CA PRO A 289 -9.09 16.23 -9.47
C PRO A 289 -9.90 14.95 -9.66
N THR A 290 -9.62 14.19 -10.73
CA THR A 290 -10.39 12.97 -10.95
C THR A 290 -10.04 11.92 -9.89
N PHE A 291 -8.77 11.78 -9.56
CA PHE A 291 -8.36 10.83 -8.54
C PHE A 291 -8.99 11.20 -7.19
N LYS A 292 -9.01 12.49 -6.87
CA LYS A 292 -9.63 12.95 -5.62
C LYS A 292 -11.11 12.64 -5.59
N HIS A 293 -11.78 12.85 -6.73
CA HIS A 293 -13.20 12.57 -6.81
C HIS A 293 -13.50 11.08 -6.57
N LEU A 294 -12.73 10.20 -7.20
CA LEU A 294 -12.88 8.76 -6.99
C LEU A 294 -12.62 8.38 -5.53
N TRP A 295 -11.59 8.97 -4.92
CA TRP A 295 -11.27 8.76 -3.52
C TRP A 295 -12.47 9.14 -2.65
N ARG A 296 -13.07 10.29 -2.96
CA ARG A 296 -14.24 10.75 -2.21
C ARG A 296 -15.48 9.90 -2.45
N GLN A 297 -15.65 9.37 -3.66
CA GLN A 297 -16.78 8.50 -3.92
C GLN A 297 -16.66 7.20 -3.12
N VAL A 298 -15.45 6.67 -3.03
CA VAL A 298 -15.21 5.48 -2.23
C VAL A 298 -15.48 5.77 -0.74
N ALA A 299 -15.00 6.93 -0.26
CA ALA A 299 -15.24 7.29 1.14
C ALA A 299 -16.73 7.43 1.42
N GLN A 300 -17.47 8.05 0.51
CA GLN A 300 -18.91 8.25 0.70
C GLN A 300 -19.63 6.91 0.78
N ASN A 301 -19.17 5.93 0.00
CA ASN A 301 -19.84 4.63 -0.05
C ASN A 301 -19.16 3.57 0.80
N LEU A 302 -18.34 4.00 1.74
CA LEU A 302 -17.50 3.08 2.49
C LEU A 302 -18.32 1.99 3.21
N ASP A 303 -19.54 2.30 3.63
CA ASP A 303 -20.38 1.31 4.32
C ASP A 303 -20.64 0.08 3.47
N ARG A 304 -20.83 0.27 2.18
CA ARG A 304 -21.33 -0.83 1.35
C ARG A 304 -20.29 -1.86 0.94
N PHE A 305 -19.02 -1.46 0.88
CA PHE A 305 -18.01 -2.36 0.34
C PHE A 305 -17.77 -3.54 1.26
N ARG A 306 -17.57 -4.72 0.68
CA ARG A 306 -17.24 -5.89 1.48
C ARG A 306 -15.86 -5.79 2.13
N THR A 307 -14.95 -5.07 1.49
CA THR A 307 -13.67 -4.77 2.14
C THR A 307 -13.29 -3.33 1.86
N PHE A 308 -12.14 -2.92 2.37
CA PHE A 308 -11.64 -1.55 2.16
C PHE A 308 -10.94 -1.47 0.82
N PRO A 309 -11.49 -0.71 -0.13
CA PRO A 309 -10.84 -0.65 -1.45
C PRO A 309 -9.47 0.01 -1.40
N ARG A 310 -8.57 -0.45 -2.26
CA ARG A 310 -7.23 0.10 -2.38
C ARG A 310 -7.15 1.01 -3.59
N LEU A 311 -6.84 2.28 -3.35
CA LEU A 311 -6.68 3.23 -4.43
C LEU A 311 -5.21 3.48 -4.74
N ALA A 312 -4.85 3.31 -6.01
CA ALA A 312 -3.52 3.63 -6.47
C ALA A 312 -3.67 4.68 -7.55
N GLY A 313 -2.91 5.77 -7.44
CA GLY A 313 -3.04 6.85 -8.41
C GLY A 313 -1.72 7.47 -8.79
N GLU A 314 -1.52 7.63 -10.09
CA GLU A 314 -0.42 8.43 -10.63
C GLU A 314 -1.07 9.66 -11.25
N CYS A 315 -0.69 10.85 -10.77
CA CYS A 315 -1.46 12.07 -11.03
C CYS A 315 -0.71 13.23 -11.68
N GLY A 316 0.47 12.98 -12.23
CA GLY A 316 1.18 14.02 -12.95
C GLY A 316 2.18 14.83 -12.15
N GLY A 317 2.80 15.80 -12.81
CA GLY A 317 3.88 16.55 -12.21
C GLY A 317 4.09 17.90 -12.86
N LYS A 318 4.91 18.72 -12.22
CA LYS A 318 5.42 19.94 -12.83
C LYS A 318 6.93 19.84 -12.69
N ASN A 319 7.55 19.17 -13.65
CA ASN A 319 8.89 18.64 -13.45
C ASN A 319 9.98 19.61 -13.83
N PHE A 320 11.11 19.55 -13.13
CA PHE A 320 12.18 20.52 -13.30
C PHE A 320 13.46 19.96 -13.91
N HIS A 321 14.18 20.81 -14.64
CA HIS A 321 15.62 20.63 -14.88
C HIS A 321 16.33 21.81 -14.21
N PHE A 322 17.17 21.53 -13.21
CA PHE A 322 17.93 22.57 -12.52
C PHE A 322 19.37 22.50 -12.99
N VAL A 323 19.88 23.64 -13.45
CA VAL A 323 21.23 23.70 -13.99
C VAL A 323 22.13 24.48 -13.06
N HIS A 324 23.26 23.88 -12.69
CA HIS A 324 24.32 24.58 -11.97
C HIS A 324 25.35 25.08 -12.98
N SER A 325 26.10 26.11 -12.61
CA SER A 325 27.05 26.74 -13.53
C SER A 325 28.12 25.78 -14.04
N SER A 326 28.36 24.68 -13.32
CA SER A 326 29.36 23.68 -13.70
C SER A 326 28.83 22.67 -14.71
N ALA A 327 27.56 22.80 -15.12
CA ALA A 327 26.93 21.83 -16.02
C ALA A 327 27.58 21.74 -17.40
N ASP A 328 27.44 20.57 -18.02
CA ASP A 328 27.79 20.40 -19.43
C ASP A 328 26.64 20.95 -20.25
N VAL A 329 26.90 22.06 -20.93
CA VAL A 329 25.86 22.79 -21.65
C VAL A 329 25.18 21.98 -22.76
N ASP A 330 25.95 21.24 -23.54
CA ASP A 330 25.34 20.47 -24.61
C ASP A 330 24.39 19.40 -24.08
N SER A 331 24.75 18.77 -22.96
CA SER A 331 23.85 17.79 -22.34
C SER A 331 22.59 18.46 -21.80
N VAL A 332 22.74 19.62 -21.18
CA VAL A 332 21.58 20.40 -20.73
C VAL A 332 20.64 20.69 -21.90
N VAL A 333 21.21 21.14 -23.01
CA VAL A 333 20.40 21.51 -24.16
C VAL A 333 19.67 20.30 -24.77
N SER A 334 20.38 19.22 -25.08
CA SER A 334 19.76 18.06 -25.69
CA SER A 334 19.74 18.08 -25.71
C SER A 334 18.78 17.38 -24.75
N GLY A 335 19.18 17.22 -23.50
CA GLY A 335 18.31 16.58 -22.50
C GLY A 335 17.05 17.38 -22.26
N THR A 336 17.16 18.71 -22.24
CA THR A 336 16.00 19.55 -22.00
C THR A 336 15.07 19.61 -23.21
N LEU A 337 15.63 19.70 -24.41
CA LEU A 337 14.80 19.64 -25.62
C LEU A 337 14.01 18.34 -25.68
N ARG A 338 14.67 17.22 -25.39
CA ARG A 338 13.98 15.94 -25.38
C ARG A 338 12.92 15.87 -24.29
N SER A 339 13.29 16.21 -23.07
CA SER A 339 12.35 16.08 -21.97
C SER A 339 11.13 16.98 -22.16
N ALA A 340 11.35 18.20 -22.64
CA ALA A 340 10.25 19.16 -22.78
C ALA A 340 9.35 18.86 -23.96
N PHE A 341 9.93 18.34 -25.04
CA PHE A 341 9.22 18.34 -26.32
C PHE A 341 8.93 16.97 -26.94
N GLU A 342 9.62 15.91 -26.50
CA GLU A 342 9.28 14.59 -27.05
C GLU A 342 7.83 14.26 -26.74
N TYR A 343 7.17 13.64 -27.71
CA TYR A 343 5.73 13.39 -27.64
C TYR A 343 4.94 14.66 -27.27
N GLY A 344 5.42 15.79 -27.76
CA GLY A 344 4.73 17.04 -27.51
C GLY A 344 4.66 17.43 -26.05
N GLY A 345 5.59 16.96 -25.23
CA GLY A 345 5.55 17.25 -23.80
C GLY A 345 4.40 16.57 -23.06
N GLN A 346 3.76 15.58 -23.69
CA GLN A 346 2.58 14.95 -23.12
C GLN A 346 2.97 13.76 -22.25
N LYS A 347 3.83 14.04 -21.27
CA LYS A 347 4.31 13.02 -20.35
C LYS A 347 4.23 13.58 -18.95
N CYS A 348 3.83 12.73 -18.01
CA CYS A 348 3.78 13.15 -16.62
CA CYS A 348 3.79 13.07 -16.60
C CYS A 348 5.17 13.43 -16.08
N SER A 349 6.19 13.01 -16.82
CA SER A 349 7.59 13.20 -16.43
C SER A 349 8.30 14.34 -17.17
N ALA A 350 7.62 14.98 -18.11
CA ALA A 350 8.25 15.97 -18.98
C ALA A 350 8.74 17.19 -18.21
N CYS A 351 9.93 17.68 -18.59
CA CYS A 351 10.42 18.95 -18.05
C CYS A 351 9.59 20.12 -18.55
N SER A 352 9.04 20.91 -17.63
CA SER A 352 8.33 22.12 -18.03
C SER A 352 8.86 23.38 -17.33
N ARG A 353 9.77 23.21 -16.38
CA ARG A 353 10.45 24.35 -15.76
C ARG A 353 11.95 24.11 -15.75
N LEU A 354 12.67 25.02 -16.37
CA LEU A 354 14.13 24.98 -16.47
C LEU A 354 14.73 26.14 -15.68
N TYR A 355 15.67 25.85 -14.78
CA TYR A 355 16.33 26.86 -13.97
C TYR A 355 17.77 26.97 -14.41
N VAL A 356 18.17 28.16 -14.86
CA VAL A 356 19.48 28.36 -15.46
C VAL A 356 20.22 29.51 -14.75
N PRO A 357 21.51 29.32 -14.41
CA PRO A 357 22.24 30.43 -13.81
C PRO A 357 22.56 31.49 -14.86
N LYS A 358 22.55 32.75 -14.44
CA LYS A 358 22.82 33.86 -15.34
C LYS A 358 24.09 33.68 -16.18
N SER A 359 25.13 33.11 -15.57
CA SER A 359 26.42 32.98 -16.26
C SER A 359 26.36 32.04 -17.47
N LEU A 360 25.44 31.08 -17.46
CA LEU A 360 25.30 30.15 -18.58
C LEU A 360 24.16 30.50 -19.52
N TRP A 361 23.34 31.47 -19.14
CA TRP A 361 22.15 31.79 -19.95
C TRP A 361 22.44 32.20 -21.40
N PRO A 362 23.46 33.05 -21.64
CA PRO A 362 23.72 33.36 -23.06
C PRO A 362 23.99 32.11 -23.91
N GLN A 363 24.76 31.16 -23.38
CA GLN A 363 25.01 29.91 -24.10
C GLN A 363 23.73 29.09 -24.28
N ILE A 364 23.00 28.90 -23.19
CA ILE A 364 21.86 28.00 -23.21
C ILE A 364 20.72 28.59 -24.03
N LYS A 365 20.47 29.89 -23.88
CA LYS A 365 19.47 30.56 -24.69
C LYS A 365 19.78 30.45 -26.18
N GLY A 366 21.03 30.76 -26.56
CA GLY A 366 21.41 30.70 -27.97
C GLY A 366 21.26 29.31 -28.56
N ARG A 367 21.73 28.31 -27.83
CA ARG A 367 21.63 26.92 -28.28
C ARG A 367 20.19 26.43 -28.37
N LEU A 368 19.38 26.74 -27.35
CA LEU A 368 17.96 26.35 -27.38
C LEU A 368 17.24 26.96 -28.57
N LEU A 369 17.49 28.23 -28.84
CA LEU A 369 16.75 28.91 -29.89
C LEU A 369 17.19 28.41 -31.28
N GLU A 370 18.48 28.15 -31.42
CA GLU A 370 19.00 27.62 -32.68
C GLU A 370 18.45 26.22 -32.95
N GLU A 371 18.53 25.35 -31.96
CA GLU A 371 18.01 23.99 -32.14
C GLU A 371 16.50 23.98 -32.33
N HIS A 372 15.80 24.86 -31.62
CA HIS A 372 14.36 24.99 -31.75
C HIS A 372 13.93 25.19 -33.21
N SER A 373 14.67 26.04 -33.94
CA SER A 373 14.30 26.36 -35.32
C SER A 373 14.40 25.15 -36.25
N ARG A 374 15.14 24.13 -35.81
CA ARG A 374 15.37 22.92 -36.59
C ARG A 374 14.46 21.75 -36.22
N ILE A 375 13.64 21.92 -35.18
CA ILE A 375 12.71 20.87 -34.78
C ILE A 375 11.62 20.71 -35.82
N LYS A 376 11.45 19.49 -36.33
CA LYS A 376 10.41 19.20 -37.30
C LYS A 376 9.15 18.70 -36.60
N VAL A 377 8.04 19.39 -36.84
CA VAL A 377 6.74 18.94 -36.36
C VAL A 377 5.89 18.59 -37.58
N GLY A 378 5.41 17.35 -37.64
CA GLY A 378 4.67 16.89 -38.80
C GLY A 378 4.12 15.50 -38.61
N ASP A 379 3.82 14.85 -39.71
CA ASP A 379 3.18 13.53 -39.75
C ASP A 379 4.23 12.47 -39.45
N PRO A 380 4.09 11.74 -38.34
CA PRO A 380 5.13 10.79 -37.94
C PRO A 380 5.11 9.49 -38.75
N ALA A 381 3.99 9.19 -39.40
CA ALA A 381 3.89 7.99 -40.22
C ALA A 381 4.54 8.24 -41.58
N GLU A 382 4.41 9.47 -42.08
CA GLU A 382 4.87 9.80 -43.42
C GLU A 382 6.30 10.34 -43.44
N ASP A 383 6.71 10.95 -42.33
CA ASP A 383 8.01 11.60 -42.26
C ASP A 383 8.73 11.16 -41.00
N PHE A 384 9.64 10.21 -41.14
CA PHE A 384 10.42 9.74 -39.99
C PHE A 384 11.42 10.80 -39.49
N GLY A 385 11.55 11.92 -40.21
CA GLY A 385 12.37 13.03 -39.74
C GLY A 385 11.68 13.84 -38.65
N THR A 386 10.40 13.58 -38.42
CA THR A 386 9.61 14.30 -37.44
C THR A 386 10.15 14.13 -36.03
N PHE A 387 10.35 15.24 -35.32
CA PHE A 387 10.76 15.13 -33.92
C PHE A 387 9.57 14.79 -33.03
N PHE A 388 8.48 15.54 -33.19
CA PHE A 388 7.21 15.19 -32.54
C PHE A 388 6.06 15.68 -33.38
N SER A 389 4.86 15.17 -33.10
CA SER A 389 3.70 15.47 -33.92
C SER A 389 2.62 16.20 -33.13
N ALA A 390 1.41 16.22 -33.69
CA ALA A 390 0.25 16.89 -33.09
C ALA A 390 -0.02 16.39 -31.68
N VAL A 391 -0.61 17.25 -30.85
CA VAL A 391 -1.07 16.83 -29.53
C VAL A 391 -2.36 16.00 -29.67
N ILE A 392 -2.81 15.42 -28.57
CA ILE A 392 -3.68 14.25 -28.68
C ILE A 392 -5.09 14.53 -29.18
N ASP A 393 -5.69 15.64 -28.76
CA ASP A 393 -7.08 15.89 -29.13
C ASP A 393 -7.44 17.37 -29.00
N ALA A 394 -8.69 17.67 -29.31
CA ALA A 394 -9.15 19.06 -29.34
C ALA A 394 -9.07 19.70 -27.96
N LYS A 395 -9.39 18.93 -26.92
CA LYS A 395 -9.34 19.47 -25.57
C LYS A 395 -7.93 19.82 -25.15
N ALA A 396 -6.97 18.96 -25.47
CA ALA A 396 -5.57 19.24 -25.17
C ALA A 396 -5.11 20.49 -25.92
N PHE A 397 -5.44 20.56 -27.20
CA PHE A 397 -5.09 21.71 -28.03
C PHE A 397 -5.63 22.99 -27.41
N ALA A 398 -6.88 22.96 -26.96
CA ALA A 398 -7.49 24.17 -26.40
C ALA A 398 -6.81 24.59 -25.10
N ARG A 399 -6.48 23.62 -24.25
CA ARG A 399 -5.79 23.94 -23.00
C ARG A 399 -4.42 24.56 -23.25
N ILE A 400 -3.68 23.96 -24.16
CA ILE A 400 -2.35 24.44 -24.47
C ILE A 400 -2.44 25.85 -25.08
N LYS A 401 -3.38 26.07 -25.99
CA LYS A 401 -3.57 27.40 -26.56
C LYS A 401 -3.87 28.45 -25.47
N LYS A 402 -4.66 28.07 -24.46
CA LYS A 402 -4.94 28.95 -23.34
C LYS A 402 -3.66 29.38 -22.62
N TRP A 403 -2.75 28.43 -22.43
CA TRP A 403 -1.48 28.74 -21.78
C TRP A 403 -0.59 29.63 -22.66
N LEU A 404 -0.61 29.40 -23.97
CA LEU A 404 0.14 30.27 -24.88
C LEU A 404 -0.42 31.70 -24.86
N GLU A 405 -1.74 31.83 -24.79
CA GLU A 405 -2.38 33.13 -24.71
C GLU A 405 -2.02 33.82 -23.38
N HIS A 406 -1.92 33.02 -22.33
CA HIS A 406 -1.48 33.54 -21.05
C HIS A 406 -0.04 34.06 -21.13
N ALA A 407 0.82 33.32 -21.81
CA ALA A 407 2.21 33.75 -21.97
C ALA A 407 2.32 35.06 -22.78
N ARG A 408 1.34 35.31 -23.65
CA ARG A 408 1.29 36.56 -24.41
C ARG A 408 0.72 37.71 -23.58
N SER A 409 0.07 37.38 -22.47
CA SER A 409 -0.60 38.37 -21.65
C SER A 409 0.22 38.79 -20.45
N SER A 410 0.87 37.83 -19.81
CA SER A 410 1.54 38.07 -18.53
C SER A 410 2.75 38.99 -18.65
N PRO A 411 2.85 39.97 -17.75
CA PRO A 411 3.97 40.91 -17.81
C PRO A 411 5.30 40.25 -17.46
N SER A 412 5.26 39.09 -16.81
CA SER A 412 6.47 38.38 -16.39
CA SER A 412 6.50 38.44 -16.42
C SER A 412 6.94 37.35 -17.40
N LEU A 413 6.14 37.11 -18.43
CA LEU A 413 6.44 36.07 -19.39
C LEU A 413 6.78 36.62 -20.76
N SER A 414 7.71 35.98 -21.44
CA SER A 414 8.05 36.34 -22.82
CA SER A 414 8.03 36.34 -22.82
C SER A 414 8.25 35.07 -23.64
N ILE A 415 7.53 34.95 -24.75
CA ILE A 415 7.76 33.82 -25.65
C ILE A 415 9.04 34.10 -26.42
N LEU A 416 10.03 33.23 -26.23
CA LEU A 416 11.31 33.37 -26.92
C LEU A 416 11.30 32.71 -28.29
N ALA A 417 10.49 31.65 -28.43
CA ALA A 417 10.42 30.92 -29.69
C ALA A 417 9.15 30.09 -29.70
N GLY A 418 8.61 29.90 -30.90
CA GLY A 418 7.41 29.09 -31.06
C GLY A 418 6.20 29.89 -30.64
N GLY A 419 5.18 29.20 -30.16
CA GLY A 419 3.95 29.86 -29.80
C GLY A 419 2.83 29.65 -30.81
N GLN A 420 3.17 29.09 -31.97
CA GLN A 420 2.18 28.92 -33.04
C GLN A 420 1.40 27.61 -32.88
N CYS A 421 0.15 27.64 -33.30
CA CYS A 421 -0.62 26.40 -33.38
CA CYS A 421 -0.70 26.43 -33.34
C CYS A 421 -1.61 26.47 -34.55
N ASN A 422 -2.01 25.31 -35.03
CA ASN A 422 -2.90 25.21 -36.18
C ASN A 422 -3.65 23.89 -36.07
N GLU A 423 -4.96 23.96 -35.93
CA GLU A 423 -5.76 22.74 -35.79
C GLU A 423 -6.58 22.40 -37.04
N SER A 424 -6.20 22.99 -38.17
CA SER A 424 -6.98 22.77 -39.41
CA SER A 424 -6.95 22.78 -39.42
C SER A 424 -6.90 21.33 -39.93
N VAL A 425 -5.76 20.67 -39.77
CA VAL A 425 -5.54 19.33 -40.28
C VAL A 425 -5.28 18.33 -39.15
N GLY A 426 -4.38 18.68 -38.25
CA GLY A 426 -4.14 17.92 -37.04
C GLY A 426 -4.10 18.90 -35.89
N TYR A 427 -3.95 18.41 -34.66
CA TYR A 427 -3.87 19.29 -33.49
C TYR A 427 -2.44 19.76 -33.27
N TYR A 428 -1.95 20.57 -34.21
CA TYR A 428 -0.53 20.88 -34.24
C TYR A 428 -0.15 22.09 -33.40
N VAL A 429 0.73 21.87 -32.43
CA VAL A 429 1.30 22.92 -31.61
C VAL A 429 2.83 22.91 -31.77
N GLU A 430 3.40 24.04 -32.18
CA GLU A 430 4.84 24.15 -32.27
C GLU A 430 5.48 24.14 -30.89
N PRO A 431 6.72 23.64 -30.79
CA PRO A 431 7.35 23.72 -29.49
C PRO A 431 7.50 25.18 -29.08
N CYS A 432 7.33 25.46 -27.80
CA CYS A 432 7.36 26.84 -27.33
C CYS A 432 8.31 26.98 -26.14
N ILE A 433 9.21 27.95 -26.22
CA ILE A 433 10.11 28.27 -25.13
C ILE A 433 9.77 29.67 -24.62
N ILE A 434 9.51 29.75 -23.32
CA ILE A 434 9.08 30.98 -22.64
C ILE A 434 10.07 31.31 -21.53
N GLU A 435 10.42 32.58 -21.37
CA GLU A 435 11.15 32.99 -20.18
C GLU A 435 10.21 33.66 -19.18
N SER A 436 10.30 33.24 -17.91
CA SER A 436 9.60 33.92 -16.84
C SER A 436 10.58 34.70 -15.98
N LYS A 437 10.24 35.94 -15.66
CA LYS A 437 11.00 36.72 -14.69
C LYS A 437 10.52 36.44 -13.26
N ASP A 438 9.40 35.73 -13.14
CA ASP A 438 8.78 35.43 -11.86
C ASP A 438 8.86 33.92 -11.63
N PRO A 439 9.66 33.48 -10.64
CA PRO A 439 9.84 32.04 -10.45
C PRO A 439 8.58 31.34 -9.94
N GLN A 440 7.58 32.11 -9.51
CA GLN A 440 6.35 31.53 -9.01
C GLN A 440 5.12 31.91 -9.84
N GLU A 441 5.35 32.30 -11.09
CA GLU A 441 4.26 32.53 -12.04
C GLU A 441 3.43 31.27 -12.15
N PRO A 442 2.11 31.40 -12.35
CA PRO A 442 1.26 30.22 -12.54
C PRO A 442 1.80 29.21 -13.57
N ILE A 443 2.43 29.67 -14.64
CA ILE A 443 2.96 28.75 -15.66
C ILE A 443 4.11 27.89 -15.11
N MET A 444 4.71 28.32 -14.00
CA MET A 444 5.76 27.55 -13.34
C MET A 444 5.19 26.50 -12.40
N LYS A 445 3.87 26.49 -12.23
CA LYS A 445 3.21 25.65 -11.22
C LYS A 445 2.24 24.63 -11.77
N GLU A 446 1.58 24.96 -12.87
CA GLU A 446 0.47 24.14 -13.35
C GLU A 446 0.88 23.28 -14.54
N GLU A 447 0.44 22.03 -14.50
CA GLU A 447 0.80 21.05 -15.53
C GLU A 447 0.03 21.30 -16.83
N ILE A 448 0.74 21.59 -17.91
CA ILE A 448 0.14 21.94 -19.19
C ILE A 448 -0.06 20.72 -20.09
N PHE A 449 0.85 19.74 -20.01
CA PHE A 449 0.80 18.55 -20.88
C PHE A 449 0.85 18.94 -22.35
N GLY A 450 1.83 19.79 -22.70
CA GLY A 450 2.02 20.25 -24.06
C GLY A 450 3.45 20.67 -24.20
N PRO A 451 3.87 21.03 -25.43
CA PRO A 451 5.29 21.29 -25.68
C PRO A 451 5.65 22.73 -25.30
N VAL A 452 5.61 23.01 -24.00
CA VAL A 452 5.72 24.36 -23.49
C VAL A 452 6.70 24.40 -22.33
N LEU A 453 7.88 24.98 -22.58
CA LEU A 453 8.96 25.00 -21.62
C LEU A 453 9.13 26.42 -21.09
N THR A 454 9.13 26.57 -19.77
CA THR A 454 9.36 27.87 -19.15
C THR A 454 10.72 27.88 -18.45
N VAL A 455 11.47 28.94 -18.69
CA VAL A 455 12.81 29.10 -18.16
C VAL A 455 12.87 30.24 -17.16
N TYR A 456 13.48 29.99 -16.01
CA TYR A 456 13.75 31.03 -15.03
C TYR A 456 15.26 31.15 -14.86
N VAL A 457 15.77 32.36 -15.07
CA VAL A 457 17.21 32.63 -14.98
C VAL A 457 17.51 33.20 -13.59
N TYR A 458 18.38 32.52 -12.85
CA TYR A 458 18.69 32.91 -11.47
C TYR A 458 20.12 33.42 -11.35
N PRO A 459 20.36 34.36 -10.41
CA PRO A 459 21.73 34.84 -10.23
C PRO A 459 22.62 33.74 -9.66
N ASP A 460 23.83 33.60 -10.18
CA ASP A 460 24.73 32.55 -9.73
C ASP A 460 24.89 32.49 -8.21
N ASP A 461 24.96 33.65 -7.57
CA ASP A 461 25.17 33.70 -6.13
C ASP A 461 23.92 33.42 -5.31
N LYS A 462 22.84 33.03 -5.99
CA LYS A 462 21.61 32.67 -5.31
C LYS A 462 21.19 31.26 -5.66
N TYR A 463 22.15 30.40 -5.99
CA TYR A 463 21.80 29.03 -6.38
C TYR A 463 21.10 28.29 -5.25
N ARG A 464 21.50 28.51 -4.00
CA ARG A 464 20.90 27.79 -2.88
C ARG A 464 19.46 28.22 -2.64
N GLU A 465 19.23 29.53 -2.65
CA GLU A 465 17.88 30.07 -2.57
C GLU A 465 17.02 29.55 -3.72
N THR A 466 17.62 29.40 -4.89
CA THR A 466 16.89 28.90 -6.04
C THR A 466 16.56 27.41 -5.90
N LEU A 467 17.49 26.62 -5.37
CA LEU A 467 17.19 25.21 -5.08
C LEU A 467 15.98 25.10 -4.16
N LYS A 468 15.92 25.98 -3.16
CA LYS A 468 14.77 26.01 -2.27
C LYS A 468 13.47 26.31 -3.03
N LEU A 469 13.53 27.23 -3.99
CA LEU A 469 12.36 27.52 -4.83
C LEU A 469 11.96 26.32 -5.69
N VAL A 470 12.95 25.58 -6.18
CA VAL A 470 12.62 24.38 -6.95
C VAL A 470 11.73 23.47 -6.12
N ASP A 471 12.10 23.30 -4.86
CA ASP A 471 11.39 22.44 -3.93
C ASP A 471 10.02 22.99 -3.50
N SER A 472 9.91 24.32 -3.35
CA SER A 472 8.73 24.91 -2.70
C SER A 472 7.66 25.45 -3.65
N THR A 473 7.99 25.64 -4.92
CA THR A 473 7.12 26.40 -5.81
C THR A 473 5.82 25.68 -6.18
N THR A 474 5.93 24.38 -6.44
CA THR A 474 4.79 23.62 -6.96
C THR A 474 4.21 22.67 -5.92
N SER A 475 3.09 22.06 -6.28
CA SER A 475 2.42 21.08 -5.43
CA SER A 475 2.44 21.09 -5.41
C SER A 475 2.91 19.67 -5.70
N TYR A 476 3.78 19.52 -6.69
CA TYR A 476 4.10 18.21 -7.24
C TYR A 476 5.43 17.63 -6.77
N GLY A 477 5.62 16.34 -7.02
CA GLY A 477 6.82 15.66 -6.57
C GLY A 477 7.27 14.51 -7.44
N LEU A 478 7.12 14.64 -8.76
CA LEU A 478 7.29 13.50 -9.64
C LEU A 478 8.72 13.34 -10.18
N THR A 479 9.10 14.09 -11.22
CA THR A 479 10.47 13.96 -11.72
C THR A 479 11.26 15.27 -11.65
N GLY A 480 12.57 15.14 -11.69
CA GLY A 480 13.43 16.30 -11.73
C GLY A 480 14.86 15.90 -11.97
N ALA A 481 15.62 16.83 -12.54
CA ALA A 481 17.03 16.61 -12.85
C ALA A 481 17.88 17.76 -12.36
N VAL A 482 19.10 17.44 -11.96
CA VAL A 482 20.12 18.44 -11.68
C VAL A 482 21.29 18.16 -12.63
N PHE A 483 21.72 19.20 -13.36
CA PHE A 483 22.90 19.13 -14.21
C PHE A 483 24.03 19.90 -13.54
N ALA A 484 25.12 19.19 -13.21
CA ALA A 484 26.26 19.77 -12.52
C ALA A 484 27.43 18.81 -12.59
N GLN A 485 28.65 19.35 -12.56
CA GLN A 485 29.84 18.49 -12.59
C GLN A 485 30.69 18.71 -11.34
N ASP A 486 30.07 19.28 -10.32
CA ASP A 486 30.71 19.58 -9.04
C ASP A 486 30.09 18.63 -7.99
N LYS A 487 30.91 17.76 -7.41
CA LYS A 487 30.43 16.73 -6.49
C LYS A 487 29.70 17.30 -5.27
N ALA A 488 30.27 18.34 -4.66
CA ALA A 488 29.66 18.95 -3.49
C ALA A 488 28.28 19.51 -3.83
N ILE A 489 28.16 20.14 -4.99
CA ILE A 489 26.89 20.70 -5.43
C ILE A 489 25.85 19.60 -5.64
N VAL A 490 26.26 18.51 -6.29
CA VAL A 490 25.36 17.37 -6.51
C VAL A 490 24.90 16.77 -5.18
N GLN A 491 25.81 16.62 -4.22
CA GLN A 491 25.43 16.09 -2.91
C GLN A 491 24.43 17.01 -2.20
N GLU A 492 24.69 18.31 -2.24
CA GLU A 492 23.81 19.29 -1.61
C GLU A 492 22.43 19.33 -2.28
N ALA A 493 22.41 19.41 -3.60
CA ALA A 493 21.14 19.45 -4.34
C ALA A 493 20.33 18.18 -4.11
N THR A 494 21.01 17.04 -4.06
CA THR A 494 20.33 15.77 -3.81
C THR A 494 19.60 15.80 -2.47
N ARG A 495 20.26 16.27 -1.43
CA ARG A 495 19.65 16.36 -0.11
CA ARG A 495 19.64 16.36 -0.11
C ARG A 495 18.49 17.35 -0.11
N MET A 496 18.70 18.52 -0.74
CA MET A 496 17.69 19.56 -0.72
C MET A 496 16.42 19.18 -1.49
N LEU A 497 16.57 18.36 -2.52
CA LEU A 497 15.47 18.03 -3.42
C LEU A 497 14.91 16.64 -3.17
N ARG A 498 15.25 16.07 -2.02
CA ARG A 498 14.86 14.72 -1.62
C ARG A 498 13.38 14.41 -1.83
N ASN A 499 12.51 15.39 -1.55
CA ASN A 499 11.07 15.18 -1.68
C ASN A 499 10.43 15.99 -2.80
N ALA A 500 11.28 16.63 -3.61
CA ALA A 500 10.82 17.37 -4.78
C ALA A 500 10.64 16.47 -6.00
N ALA A 501 11.20 15.26 -5.96
CA ALA A 501 11.12 14.32 -7.08
C ALA A 501 11.24 12.86 -6.61
N GLY A 502 10.29 12.01 -7.00
CA GLY A 502 10.38 10.58 -6.73
C GLY A 502 11.27 9.85 -7.74
N ASN A 503 11.44 10.46 -8.90
CA ASN A 503 12.41 10.02 -9.90
C ASN A 503 13.35 11.19 -10.12
N PHE A 504 14.54 11.07 -9.58
CA PHE A 504 15.50 12.17 -9.55
C PHE A 504 16.71 11.81 -10.39
N TYR A 505 17.16 12.74 -11.21
CA TYR A 505 18.19 12.46 -12.19
C TYR A 505 19.37 13.40 -12.03
N ILE A 506 20.57 12.83 -12.10
CA ILE A 506 21.78 13.63 -12.11
CA ILE A 506 21.77 13.63 -12.13
C ILE A 506 22.40 13.52 -13.50
N ASN A 507 22.49 14.66 -14.19
CA ASN A 507 23.07 14.72 -15.52
C ASN A 507 22.35 13.83 -16.54
N ASP A 508 21.03 13.72 -16.40
CA ASP A 508 20.22 13.09 -17.41
C ASP A 508 18.87 13.77 -17.46
N LYS A 509 18.11 13.52 -18.53
CA LYS A 509 16.79 14.12 -18.68
C LYS A 509 15.76 13.50 -17.73
N SER A 510 14.68 14.25 -17.47
CA SER A 510 13.70 13.85 -16.48
C SER A 510 12.69 12.82 -16.96
N THR A 511 12.74 12.47 -18.25
CA THR A 511 11.81 11.49 -18.82
C THR A 511 12.52 10.18 -19.10
N GLY A 512 11.76 9.15 -19.48
CA GLY A 512 12.35 7.92 -19.95
C GLY A 512 12.72 6.89 -18.92
N SER A 513 11.95 6.81 -17.84
CA SER A 513 12.19 5.75 -16.86
C SER A 513 12.06 4.38 -17.53
N VAL A 514 12.90 3.44 -17.12
CA VAL A 514 12.95 2.10 -17.68
C VAL A 514 12.61 1.10 -16.59
N VAL A 515 11.70 0.19 -16.92
CA VAL A 515 11.25 -0.81 -15.97
C VAL A 515 12.43 -1.59 -15.40
N GLY A 516 12.43 -1.78 -14.09
CA GLY A 516 13.48 -2.51 -13.42
C GLY A 516 14.74 -1.70 -13.13
N GLN A 517 14.80 -0.50 -13.71
CA GLN A 517 15.97 0.38 -13.59
C GLN A 517 15.60 1.66 -12.84
N GLN A 518 14.52 2.32 -13.26
CA GLN A 518 13.99 3.45 -12.50
C GLN A 518 12.50 3.26 -12.24
N PRO A 519 12.16 2.51 -11.18
CA PRO A 519 10.74 2.37 -10.81
C PRO A 519 10.14 3.77 -10.69
N PHE A 520 8.91 3.95 -11.17
CA PHE A 520 8.40 5.28 -11.43
C PHE A 520 7.30 5.73 -10.49
N GLY A 521 7.41 6.97 -10.02
CA GLY A 521 6.36 7.55 -9.22
C GLY A 521 6.89 8.56 -8.23
N GLY A 522 5.99 9.38 -7.71
CA GLY A 522 6.37 10.37 -6.72
C GLY A 522 5.19 10.70 -5.83
N ALA A 523 5.48 11.43 -4.76
CA ALA A 523 4.49 11.78 -3.76
C ALA A 523 4.07 13.25 -3.93
N ARG A 524 3.86 13.96 -2.82
CA ARG A 524 3.18 15.26 -2.88
C ARG A 524 1.89 15.09 -3.70
N ALA A 525 1.54 16.02 -4.59
CA ALA A 525 0.30 15.86 -5.35
C ALA A 525 0.38 14.84 -6.49
N SER A 526 1.56 14.25 -6.68
CA SER A 526 1.78 13.40 -7.85
C SER A 526 1.19 11.99 -7.72
N GLY A 527 0.67 11.65 -6.55
CA GLY A 527 -0.05 10.40 -6.39
C GLY A 527 0.35 9.60 -5.18
N THR A 528 0.08 8.30 -5.24
CA THR A 528 0.29 7.43 -4.08
C THR A 528 1.67 6.78 -4.07
N ASN A 529 2.43 6.97 -5.13
CA ASN A 529 3.81 6.47 -5.24
C ASN A 529 4.01 4.98 -4.99
N ASP A 530 3.29 4.17 -5.75
CA ASP A 530 3.41 2.72 -5.59
C ASP A 530 4.52 2.12 -6.45
N LYS A 531 5.24 2.96 -7.18
CA LYS A 531 6.41 2.56 -7.96
C LYS A 531 6.23 1.38 -8.92
N PRO A 532 5.25 1.49 -9.84
CA PRO A 532 5.24 0.54 -10.96
C PRO A 532 6.61 0.57 -11.66
N GLY A 533 7.08 -0.62 -12.06
CA GLY A 533 8.41 -0.73 -12.63
C GLY A 533 9.40 -1.31 -11.64
N GLY A 534 9.01 -1.37 -10.36
CA GLY A 534 9.84 -1.96 -9.34
C GLY A 534 9.17 -3.19 -8.72
N PRO A 535 9.87 -3.85 -7.81
CA PRO A 535 9.46 -5.15 -7.28
C PRO A 535 8.33 -5.09 -6.26
N HIS A 536 7.98 -3.90 -5.79
CA HIS A 536 6.99 -3.80 -4.72
C HIS A 536 5.59 -3.45 -5.20
N TYR A 537 5.48 -2.99 -6.44
CA TYR A 537 4.20 -2.55 -6.98
C TYR A 537 3.12 -3.64 -6.88
N ILE A 538 3.49 -4.88 -7.21
CA ILE A 538 2.51 -5.96 -7.19
C ILE A 538 1.92 -6.21 -5.79
N LEU A 539 2.62 -5.80 -4.73
CA LEU A 539 2.10 -5.96 -3.37
C LEU A 539 0.80 -5.21 -3.12
N ARG A 540 0.52 -4.15 -3.87
CA ARG A 540 -0.74 -3.45 -3.71
C ARG A 540 -1.92 -4.32 -4.18
N TRP A 541 -1.65 -5.34 -4.99
CA TRP A 541 -2.71 -6.12 -5.63
C TRP A 541 -2.84 -7.54 -5.06
N THR A 542 -2.15 -7.80 -3.96
CA THR A 542 -2.35 -9.03 -3.21
C THR A 542 -2.72 -8.73 -1.76
N SER A 543 -3.59 -9.57 -1.20
CA SER A 543 -3.95 -9.49 0.22
C SER A 543 -3.55 -10.83 0.83
N PRO A 544 -2.35 -10.90 1.42
CA PRO A 544 -1.81 -12.22 1.80
C PRO A 544 -2.61 -12.93 2.90
N GLN A 545 -2.59 -14.25 2.81
CA GLN A 545 -3.10 -15.12 3.85
C GLN A 545 -1.93 -15.95 4.35
N VAL A 546 -1.86 -16.19 5.65
CA VAL A 546 -0.85 -17.10 6.18
CA VAL A 546 -0.85 -17.13 6.13
C VAL A 546 -1.54 -18.33 6.75
N ILE A 547 -1.07 -19.52 6.33
CA ILE A 547 -1.61 -20.78 6.80
C ILE A 547 -0.59 -21.43 7.72
N LYS A 548 -1.01 -21.76 8.93
CA LYS A 548 -0.19 -22.52 9.86
C LYS A 548 -0.83 -23.89 10.00
N GLU A 549 -0.07 -24.94 9.68
CA GLU A 549 -0.50 -26.30 9.94
C GLU A 549 0.33 -26.88 11.08
N THR A 550 -0.34 -27.40 12.10
CA THR A 550 0.34 -28.01 13.22
C THR A 550 0.22 -29.53 13.14
N HIS A 551 1.35 -30.22 13.28
CA HIS A 551 1.46 -31.64 12.95
C HIS A 551 1.40 -32.59 14.15
N LYS A 552 1.24 -32.04 15.34
CA LYS A 552 1.14 -32.84 16.55
C LYS A 552 -0.09 -32.38 17.34
N PRO A 553 -0.66 -33.28 18.17
CA PRO A 553 -1.84 -32.91 18.96
C PRO A 553 -1.54 -31.74 19.90
N LEU A 554 -2.54 -30.92 20.19
CA LEU A 554 -2.36 -29.79 21.09
C LEU A 554 -2.37 -30.32 22.52
N GLY A 555 -1.63 -29.67 23.42
CA GLY A 555 -1.55 -30.12 24.80
C GLY A 555 -2.81 -29.81 25.59
N ASP A 556 -2.70 -29.85 26.92
CA ASP A 556 -3.79 -29.40 27.78
C ASP A 556 -3.89 -27.88 27.69
N TRP A 557 -5.04 -27.33 28.05
CA TRP A 557 -5.25 -25.89 27.93
C TRP A 557 -4.59 -25.09 29.07
N ARG A 558 -4.31 -25.78 30.17
CA ARG A 558 -3.61 -25.16 31.30
C ARG A 558 -2.12 -24.96 30.98
N TYR A 559 -1.47 -24.12 31.76
CA TYR A 559 -0.04 -23.88 31.63
C TYR A 559 0.68 -24.36 32.88
N SER A 560 1.95 -24.73 32.75
CA SER A 560 2.69 -25.32 33.85
C SER A 560 2.92 -24.37 35.03
N TYR A 561 2.96 -23.07 34.77
CA TYR A 561 3.21 -22.09 35.83
C TYR A 561 2.00 -21.92 36.73
N MET A 562 0.86 -22.41 36.26
CA MET A 562 -0.41 -22.29 36.99
C MET A 562 -0.50 -23.31 38.12
N GLY B 18 33.46 10.81 -15.69
CA GLY B 18 32.71 9.57 -15.44
C GLY B 18 32.68 9.17 -13.99
N SER B 19 33.30 9.97 -13.13
CA SER B 19 33.34 9.68 -11.71
C SER B 19 31.95 9.74 -11.08
N HIS B 20 31.70 8.85 -10.12
CA HIS B 20 30.42 8.82 -9.42
C HIS B 20 30.39 9.88 -8.34
N MET B 21 29.49 10.84 -8.50
CA MET B 21 29.39 11.89 -7.50
C MET B 21 28.55 11.47 -6.29
N LEU B 22 27.59 10.58 -6.52
CA LEU B 22 26.89 9.96 -5.42
C LEU B 22 27.48 8.57 -5.16
N ARG B 23 27.87 8.34 -3.91
CA ARG B 23 28.43 7.06 -3.51
C ARG B 23 27.53 6.41 -2.47
N TRP B 24 27.20 5.15 -2.70
CA TRP B 24 26.25 4.46 -1.85
C TRP B 24 26.96 3.44 -0.97
N LYS B 25 26.65 3.47 0.31
CA LYS B 25 27.29 2.58 1.28
C LYS B 25 26.86 1.14 1.05
N HIS B 26 27.73 0.20 1.43
CA HIS B 26 27.39 -1.22 1.36
C HIS B 26 26.25 -1.50 2.32
N THR B 27 25.38 -2.43 1.94
CA THR B 27 24.25 -2.79 2.79
C THR B 27 24.66 -3.89 3.76
N SER B 28 23.94 -3.96 4.88
CA SER B 28 24.22 -4.97 5.87
C SER B 28 23.03 -5.90 6.01
N SER B 29 23.21 -6.94 6.81
CA SER B 29 22.12 -7.85 7.13
C SER B 29 22.07 -7.97 8.64
N LEU B 30 21.05 -8.67 9.13
CA LEU B 30 20.91 -8.87 10.57
C LEU B 30 20.35 -10.25 10.80
N LYS B 31 20.91 -10.96 11.77
CA LYS B 31 20.36 -12.24 12.19
C LYS B 31 19.55 -12.06 13.46
N VAL B 32 18.28 -12.43 13.41
CA VAL B 32 17.43 -12.37 14.58
C VAL B 32 16.63 -13.67 14.70
N ALA B 33 16.27 -13.99 15.93
CA ALA B 33 15.40 -15.14 16.16
C ALA B 33 14.30 -14.70 17.09
N ASN B 34 13.22 -15.47 17.11
CA ASN B 34 12.14 -15.17 18.03
C ASN B 34 12.58 -15.21 19.49
N GLU B 35 12.08 -14.26 20.26
CA GLU B 35 12.36 -14.21 21.70
C GLU B 35 11.73 -15.43 22.37
N PRO B 36 12.56 -16.22 23.09
CA PRO B 36 11.99 -17.40 23.74
C PRO B 36 10.98 -17.05 24.83
N ILE B 37 9.91 -17.85 24.90
CA ILE B 37 8.89 -17.70 25.94
C ILE B 37 9.38 -18.35 27.22
N LEU B 38 9.37 -17.60 28.31
CA LEU B 38 9.83 -18.12 29.60
C LEU B 38 8.72 -18.90 30.31
N ALA B 39 9.12 -19.78 31.23
CA ALA B 39 8.18 -20.70 31.87
C ALA B 39 7.61 -20.20 33.20
N PHE B 40 8.36 -19.35 33.90
CA PHE B 40 7.95 -18.82 35.20
C PHE B 40 7.64 -19.91 36.23
N SER B 41 8.39 -21.01 36.16
CA SER B 41 8.25 -22.09 37.12
C SER B 41 8.81 -21.66 38.48
N GLN B 42 8.39 -22.35 39.52
CA GLN B 42 8.92 -22.10 40.85
C GLN B 42 10.43 -22.35 40.85
N GLY B 43 11.19 -21.37 41.31
CA GLY B 43 12.64 -21.48 41.32
C GLY B 43 13.31 -20.74 40.18
N SER B 44 12.51 -20.29 39.21
CA SER B 44 13.06 -19.55 38.08
C SER B 44 13.32 -18.10 38.47
N PRO B 45 14.38 -17.51 37.90
CA PRO B 45 14.65 -16.09 38.15
C PRO B 45 13.53 -15.18 37.64
N GLU B 46 12.87 -15.56 36.54
CA GLU B 46 11.85 -14.70 35.96
C GLU B 46 10.60 -14.65 36.84
N ARG B 47 10.28 -15.75 37.50
CA ARG B 47 9.15 -15.76 38.42
C ARG B 47 9.45 -14.86 39.62
N ASP B 48 10.67 -14.97 40.14
CA ASP B 48 11.09 -14.09 41.23
C ASP B 48 11.03 -12.61 40.81
N ALA B 49 11.58 -12.33 39.63
CA ALA B 49 11.62 -10.95 39.14
C ALA B 49 10.23 -10.39 38.93
N LEU B 50 9.33 -11.21 38.40
CA LEU B 50 7.96 -10.77 38.15
C LEU B 50 7.20 -10.53 39.46
N GLN B 51 7.38 -11.43 40.42
CA GLN B 51 6.73 -11.23 41.72
C GLN B 51 7.17 -9.91 42.35
N LYS B 52 8.45 -9.58 42.23
CA LYS B 52 8.97 -8.31 42.73
C LYS B 52 8.35 -7.14 41.98
N ALA B 53 8.29 -7.24 40.66
CA ALA B 53 7.72 -6.17 39.84
C ALA B 53 6.23 -5.95 40.13
N LEU B 54 5.50 -7.02 40.41
CA LEU B 54 4.10 -6.91 40.78
C LEU B 54 3.96 -6.22 42.12
N LYS B 55 4.82 -6.59 43.06
CA LYS B 55 4.86 -5.94 44.36
C LYS B 55 5.16 -4.45 44.21
N ASP B 56 6.02 -4.10 43.25
CA ASP B 56 6.38 -2.70 42.98
C ASP B 56 5.20 -1.84 42.51
N LEU B 57 4.12 -2.49 42.08
CA LEU B 57 2.96 -1.79 41.52
C LEU B 57 1.80 -1.74 42.49
N LYS B 58 1.85 -2.60 43.50
CA LYS B 58 0.79 -2.71 44.48
C LYS B 58 0.61 -1.39 45.21
N GLY B 59 -0.61 -0.85 45.18
CA GLY B 59 -0.89 0.40 45.84
C GLY B 59 -0.30 1.64 45.18
N GLN B 60 0.29 1.49 44.00
CA GLN B 60 0.93 2.62 43.33
C GLN B 60 0.08 3.21 42.21
N THR B 61 0.13 4.53 42.09
CA THR B 61 -0.43 5.24 40.94
C THR B 61 0.70 6.05 40.30
N GLU B 62 0.97 5.81 39.01
CA GLU B 62 1.93 6.63 38.30
C GLU B 62 1.25 7.81 37.61
N ALA B 63 1.78 9.01 37.82
CA ALA B 63 1.31 10.19 37.12
C ALA B 63 2.05 10.30 35.79
N ILE B 64 1.35 10.03 34.70
CA ILE B 64 1.96 9.90 33.38
C ILE B 64 1.63 11.14 32.55
N PRO B 65 2.64 11.94 32.19
CA PRO B 65 2.38 13.16 31.42
C PRO B 65 2.28 12.87 29.92
N CYS B 66 1.78 13.83 29.17
CA CYS B 66 2.07 13.85 27.74
C CYS B 66 3.54 14.19 27.58
N VAL B 67 4.18 13.68 26.53
CA VAL B 67 5.58 14.01 26.28
C VAL B 67 5.73 14.54 24.86
N VAL B 68 6.15 15.80 24.76
CA VAL B 68 6.42 16.43 23.48
C VAL B 68 7.89 16.84 23.49
N GLY B 69 8.68 16.26 22.58
CA GLY B 69 10.11 16.40 22.66
C GLY B 69 10.60 15.71 23.92
N ASP B 70 11.22 16.48 24.81
CA ASP B 70 11.61 15.97 26.12
C ASP B 70 10.78 16.61 27.22
N GLU B 71 9.79 17.40 26.83
CA GLU B 71 8.97 18.13 27.79
C GLU B 71 7.79 17.29 28.29
N GLU B 72 7.63 17.22 29.61
CA GLU B 72 6.46 16.58 30.20
C GLU B 72 5.39 17.63 30.37
N VAL B 73 4.23 17.38 29.76
CA VAL B 73 3.17 18.39 29.69
C VAL B 73 1.89 17.86 30.31
N TRP B 74 1.25 18.70 31.13
CA TRP B 74 -0.04 18.36 31.73
C TRP B 74 -1.14 19.28 31.24
N THR B 75 -2.34 18.73 31.11
CA THR B 75 -3.53 19.54 30.86
C THR B 75 -4.50 19.34 32.02
N SER B 76 -5.61 20.07 31.96
CA SER B 76 -6.66 19.97 32.97
C SER B 76 -7.51 18.70 32.84
N ASP B 77 -7.39 18.00 31.72
CA ASP B 77 -8.26 16.86 31.47
C ASP B 77 -7.63 15.60 32.05
N ILE B 78 -7.76 15.46 33.36
CA ILE B 78 -7.16 14.36 34.09
C ILE B 78 -8.00 13.09 33.94
N GLN B 79 -7.31 11.97 33.69
CA GLN B 79 -7.95 10.68 33.48
C GLN B 79 -7.24 9.63 34.34
N TYR B 80 -7.95 8.56 34.67
CA TYR B 80 -7.34 7.47 35.42
C TYR B 80 -7.48 6.15 34.70
N GLN B 81 -6.44 5.33 34.77
CA GLN B 81 -6.48 3.95 34.35
C GLN B 81 -6.68 3.09 35.59
N LEU B 82 -7.65 2.18 35.53
CA LEU B 82 -7.99 1.33 36.67
C LEU B 82 -7.50 -0.10 36.44
N SER B 83 -7.17 -0.81 37.52
CA SER B 83 -6.82 -2.21 37.39
C SER B 83 -8.11 -3.00 37.16
N PRO B 84 -8.20 -3.75 36.05
CA PRO B 84 -9.49 -4.37 35.71
C PRO B 84 -10.04 -5.32 36.78
N PHE B 85 -9.16 -6.01 37.50
CA PHE B 85 -9.60 -6.99 38.50
C PHE B 85 -9.71 -6.40 39.91
N ASN B 86 -9.39 -5.11 40.04
CA ASN B 86 -9.51 -4.40 41.30
C ASN B 86 -9.63 -2.93 40.96
N HIS B 87 -10.81 -2.52 40.52
CA HIS B 87 -10.95 -1.21 39.90
C HIS B 87 -10.86 -0.05 40.88
N ALA B 88 -10.81 -0.35 42.18
CA ALA B 88 -10.51 0.66 43.18
C ALA B 88 -9.04 1.12 43.08
N HIS B 89 -8.21 0.30 42.44
CA HIS B 89 -6.80 0.63 42.22
C HIS B 89 -6.64 1.47 40.96
N LYS B 90 -6.33 2.75 41.14
CA LYS B 90 -5.99 3.61 40.02
C LYS B 90 -4.51 3.40 39.74
N VAL B 91 -4.20 2.71 38.65
CA VAL B 91 -2.81 2.36 38.37
C VAL B 91 -2.04 3.52 37.73
N ALA B 92 -2.77 4.42 37.10
CA ALA B 92 -2.14 5.59 36.49
C ALA B 92 -3.10 6.76 36.49
N LYS B 93 -2.52 7.96 36.65
CA LYS B 93 -3.22 9.22 36.45
C LYS B 93 -2.54 9.86 35.26
N PHE B 94 -3.31 10.18 34.22
CA PHE B 94 -2.73 10.76 33.03
C PHE B 94 -3.62 11.91 32.58
N CYS B 95 -3.34 12.49 31.43
CA CYS B 95 -4.21 13.54 30.93
C CYS B 95 -4.36 13.47 29.42
N TYR B 96 -5.45 14.04 28.94
CA TYR B 96 -5.67 14.11 27.51
C TYR B 96 -5.03 15.39 26.95
N ALA B 97 -4.22 15.24 25.91
CA ALA B 97 -3.66 16.38 25.21
C ALA B 97 -4.81 17.21 24.64
N ASP B 98 -4.76 18.53 24.81
CA ASP B 98 -5.74 19.40 24.15
C ASP B 98 -5.33 19.63 22.69
N LYS B 99 -6.20 20.27 21.91
CA LYS B 99 -5.89 20.50 20.51
C LYS B 99 -4.63 21.34 20.33
N ALA B 100 -4.45 22.34 21.19
CA ALA B 100 -3.23 23.14 21.15
C ALA B 100 -1.98 22.28 21.32
N LEU B 101 -2.00 21.38 22.29
CA LEU B 101 -0.83 20.55 22.56
C LEU B 101 -0.57 19.59 21.40
N LEU B 102 -1.64 19.04 20.84
CA LEU B 102 -1.48 18.16 19.70
C LEU B 102 -0.85 18.89 18.53
N ASN B 103 -1.31 20.11 18.27
CA ASN B 103 -0.73 20.89 17.18
C ASN B 103 0.73 21.28 17.45
N ARG B 104 1.05 21.58 18.71
CA ARG B 104 2.42 21.84 19.10
C ARG B 104 3.28 20.60 18.86
N ALA B 105 2.73 19.44 19.18
CA ALA B 105 3.45 18.18 18.98
C ALA B 105 3.72 17.92 17.50
N ILE B 106 2.72 18.20 16.66
CA ILE B 106 2.90 18.08 15.21
C ILE B 106 4.03 18.99 14.72
N ASP B 107 3.96 20.27 15.12
CA ASP B 107 4.97 21.23 14.65
C ASP B 107 6.38 20.79 15.03
N ALA B 108 6.55 20.34 16.27
CA ALA B 108 7.86 19.94 16.75
C ALA B 108 8.34 18.66 16.08
N ALA B 109 7.43 17.72 15.85
CA ALA B 109 7.77 16.51 15.12
C ALA B 109 8.25 16.84 13.71
N LEU B 110 7.50 17.71 13.03
CA LEU B 110 7.86 18.08 11.65
C LEU B 110 9.24 18.73 11.59
N ALA B 111 9.57 19.53 12.60
CA ALA B 111 10.86 20.21 12.63
C ALA B 111 12.02 19.24 12.87
N ALA B 112 11.72 18.05 13.40
CA ALA B 112 12.73 17.05 13.71
C ALA B 112 12.86 15.99 12.60
N ARG B 113 11.89 15.98 11.69
CA ARG B 113 11.76 14.85 10.75
C ARG B 113 12.91 14.68 9.75
N LYS B 114 13.34 15.77 9.12
CA LYS B 114 14.31 15.67 8.03
C LYS B 114 15.61 15.02 8.52
N GLU B 115 16.08 15.47 9.67
CA GLU B 115 17.30 14.91 10.27
C GLU B 115 17.16 13.41 10.54
N TRP B 116 16.01 13.02 11.07
CA TRP B 116 15.75 11.62 11.40
C TRP B 116 15.65 10.77 10.13
N ASP B 117 14.94 11.29 9.13
CA ASP B 117 14.80 10.63 7.84
C ASP B 117 16.17 10.44 7.16
N LEU B 118 17.06 11.40 7.34
CA LEU B 118 18.40 11.32 6.72
C LEU B 118 19.36 10.39 7.47
N LYS B 119 19.02 10.02 8.69
CA LYS B 119 19.85 9.06 9.44
C LYS B 119 19.91 7.74 8.71
N PRO B 120 21.08 7.08 8.71
CA PRO B 120 21.15 5.74 8.11
C PRO B 120 20.15 4.78 8.76
N MET B 121 19.52 3.94 7.94
CA MET B 121 18.55 2.97 8.41
C MET B 121 19.12 2.15 9.57
N ALA B 122 20.39 1.79 9.48
CA ALA B 122 21.04 0.98 10.51
C ALA B 122 21.07 1.68 11.87
N ASP B 123 21.24 3.01 11.85
CA ASP B 123 21.26 3.77 13.10
C ASP B 123 19.87 3.86 13.72
N ARG B 124 18.85 4.00 12.88
CA ARG B 124 17.49 3.96 13.40
C ARG B 124 17.17 2.57 13.96
N ALA B 125 17.59 1.53 13.24
CA ALA B 125 17.33 0.16 13.67
C ALA B 125 17.99 -0.13 15.02
N GLN B 126 19.14 0.48 15.28
CA GLN B 126 19.86 0.26 16.52
C GLN B 126 19.05 0.65 17.76
N VAL B 127 18.26 1.72 17.65
CA VAL B 127 17.38 2.13 18.73
C VAL B 127 16.44 0.98 19.10
N PHE B 128 15.85 0.38 18.09
CA PHE B 128 14.86 -0.68 18.32
C PHE B 128 15.50 -1.98 18.79
N LEU B 129 16.70 -2.27 18.30
CA LEU B 129 17.43 -3.45 18.78
C LEU B 129 17.86 -3.29 20.24
N LYS B 130 18.27 -2.07 20.60
CA LYS B 130 18.63 -1.78 21.99
C LYS B 130 17.39 -1.88 22.90
N ALA B 131 16.28 -1.32 22.43
CA ALA B 131 15.03 -1.41 23.18
C ALA B 131 14.62 -2.87 23.38
N ALA B 132 14.74 -3.67 22.33
CA ALA B 132 14.40 -5.10 22.43
C ALA B 132 15.25 -5.81 23.46
N ASP B 133 16.54 -5.48 23.51
CA ASP B 133 17.46 -6.09 24.46
C ASP B 133 17.07 -5.72 25.90
N MET B 134 16.68 -4.47 26.11
CA MET B 134 16.24 -4.02 27.42
C MET B 134 14.96 -4.73 27.85
N LEU B 135 14.02 -4.84 26.93
CA LEU B 135 12.76 -5.54 27.18
C LEU B 135 12.98 -7.01 27.48
N SER B 136 13.95 -7.63 26.80
CA SER B 136 14.25 -9.05 26.98
C SER B 136 14.78 -9.30 28.39
N GLY B 137 15.67 -8.41 28.84
CA GLY B 137 16.39 -8.60 30.07
C GLY B 137 15.88 -7.76 31.22
N PRO B 138 16.54 -6.63 31.49
CA PRO B 138 16.31 -5.90 32.73
C PRO B 138 14.92 -5.30 32.87
N ARG B 139 14.22 -5.05 31.77
CA ARG B 139 12.92 -4.40 31.83
C ARG B 139 11.75 -5.37 31.63
N ARG B 140 12.06 -6.65 31.48
CA ARG B 140 11.00 -7.63 31.19
C ARG B 140 9.96 -7.67 32.30
N ALA B 141 10.42 -7.78 33.55
CA ALA B 141 9.48 -7.94 34.65
C ALA B 141 8.59 -6.70 34.78
N GLU B 142 9.16 -5.52 34.59
CA GLU B 142 8.39 -4.28 34.63
C GLU B 142 7.26 -4.25 33.59
N VAL B 143 7.58 -4.51 32.33
CA VAL B 143 6.54 -4.41 31.30
C VAL B 143 5.48 -5.51 31.45
N LEU B 144 5.92 -6.70 31.89
CA LEU B 144 4.96 -7.75 32.18
C LEU B 144 4.01 -7.34 33.30
N ALA B 145 4.57 -6.86 34.41
CA ALA B 145 3.77 -6.52 35.58
C ALA B 145 2.79 -5.40 35.26
N LYS B 146 3.25 -4.42 34.47
CA LYS B 146 2.38 -3.29 34.15
C LYS B 146 1.24 -3.71 33.23
N THR B 147 1.50 -4.69 32.37
CA THR B 147 0.47 -5.23 31.50
C THR B 147 -0.51 -6.10 32.30
N MET B 148 -0.01 -6.87 33.26
CA MET B 148 -0.88 -7.64 34.13
C MET B 148 -1.78 -6.75 34.97
N VAL B 149 -1.18 -5.80 35.66
CA VAL B 149 -1.95 -4.99 36.61
C VAL B 149 -2.84 -3.97 35.91
N GLY B 150 -2.36 -3.41 34.80
CA GLY B 150 -3.10 -2.37 34.12
C GLY B 150 -4.10 -2.89 33.11
N GLN B 151 -3.81 -4.04 32.48
CA GLN B 151 -4.70 -4.58 31.45
C GLN B 151 -5.37 -5.89 31.86
N GLY B 152 -5.01 -6.41 33.03
CA GLY B 152 -5.66 -7.61 33.57
C GLY B 152 -5.18 -8.92 33.00
N LYS B 153 -4.00 -8.92 32.38
CA LYS B 153 -3.44 -10.14 31.81
C LYS B 153 -2.85 -11.09 32.84
N THR B 154 -2.93 -12.39 32.57
CA THR B 154 -2.20 -13.38 33.35
C THR B 154 -0.73 -13.32 32.98
N VAL B 155 0.10 -13.98 33.79
CA VAL B 155 1.54 -14.06 33.53
C VAL B 155 1.84 -14.44 32.08
N ILE B 156 1.27 -15.55 31.60
CA ILE B 156 1.62 -16.02 30.28
C ILE B 156 1.08 -15.10 29.18
N GLN B 157 -0.11 -14.53 29.37
CA GLN B 157 -0.62 -13.61 28.36
C GLN B 157 0.23 -12.35 28.29
N ALA B 158 0.73 -11.89 29.44
CA ALA B 158 1.61 -10.73 29.44
C ALA B 158 2.94 -11.09 28.76
N GLU B 159 3.46 -12.28 29.07
CA GLU B 159 4.73 -12.73 28.53
C GLU B 159 4.75 -12.81 27.01
N ILE B 160 3.70 -13.39 26.43
CA ILE B 160 3.68 -13.51 24.98
C ILE B 160 3.45 -12.18 24.26
N ASP B 161 2.97 -11.18 25.00
CA ASP B 161 2.62 -9.88 24.46
C ASP B 161 3.72 -8.83 24.73
N ALA B 162 3.78 -8.34 25.97
CA ALA B 162 4.67 -7.23 26.31
C ALA B 162 6.13 -7.58 26.19
N ALA B 163 6.45 -8.85 26.36
CA ALA B 163 7.81 -9.30 26.11
C ALA B 163 7.92 -9.83 24.69
N ALA B 164 7.51 -11.08 24.47
CA ALA B 164 7.84 -11.77 23.22
C ALA B 164 7.40 -11.05 21.95
N GLU B 165 6.12 -10.71 21.82
CA GLU B 165 5.67 -10.10 20.59
C GLU B 165 6.29 -8.73 20.34
N LEU B 166 6.37 -7.90 21.38
CA LEU B 166 6.94 -6.57 21.25
C LEU B 166 8.42 -6.64 20.87
N ILE B 167 9.15 -7.48 21.58
CA ILE B 167 10.56 -7.70 21.27
C ILE B 167 10.72 -8.19 19.83
N ASP B 168 9.88 -9.13 19.42
CA ASP B 168 9.96 -9.66 18.05
C ASP B 168 9.64 -8.58 17.00
N PHE B 169 8.62 -7.75 17.23
CA PHE B 169 8.35 -6.65 16.31
C PHE B 169 9.60 -5.81 16.14
N PHE B 170 10.21 -5.42 17.26
CA PHE B 170 11.38 -4.55 17.20
C PHE B 170 12.54 -5.20 16.47
N ARG B 171 12.82 -6.47 16.75
CA ARG B 171 13.96 -7.15 16.12
C ARG B 171 13.70 -7.49 14.66
N PHE B 172 12.55 -8.09 14.37
CA PHE B 172 12.24 -8.49 13.00
C PHE B 172 12.03 -7.28 12.08
N ASN B 173 11.34 -6.25 12.54
CA ASN B 173 11.20 -5.05 11.70
C ASN B 173 12.56 -4.40 11.44
N ALA B 174 13.44 -4.40 12.44
CA ALA B 174 14.81 -3.91 12.21
C ALA B 174 15.50 -4.72 11.11
N LYS B 175 15.40 -6.04 11.17
CA LYS B 175 15.97 -6.88 10.13
C LYS B 175 15.36 -6.56 8.76
N PHE B 176 14.03 -6.50 8.70
CA PHE B 176 13.35 -6.25 7.43
C PHE B 176 13.77 -4.90 6.85
N ALA B 177 13.91 -3.89 7.71
CA ALA B 177 14.28 -2.55 7.26
C ALA B 177 15.73 -2.44 6.80
N VAL B 178 16.66 -3.01 7.56
CA VAL B 178 18.05 -2.98 7.17
C VAL B 178 18.24 -3.71 5.85
N GLU B 179 17.57 -4.85 5.69
CA GLU B 179 17.74 -5.66 4.50
C GLU B 179 16.99 -5.08 3.29
N LEU B 180 15.93 -4.30 3.54
CA LEU B 180 15.19 -3.66 2.44
C LEU B 180 16.10 -2.75 1.62
N GLU B 181 17.08 -2.14 2.26
CA GLU B 181 17.99 -1.24 1.54
C GLU B 181 18.83 -1.98 0.51
N GLY B 182 18.92 -3.30 0.64
CA GLY B 182 19.58 -4.12 -0.36
C GLY B 182 18.74 -4.42 -1.59
N GLU B 183 17.47 -4.07 -1.54
CA GLU B 183 16.60 -4.20 -2.70
C GLU B 183 16.79 -3.00 -3.62
N GLN B 184 17.62 -3.20 -4.64
CA GLN B 184 18.07 -2.12 -5.50
C GLN B 184 17.82 -2.46 -6.97
N PRO B 185 17.59 -1.43 -7.80
CA PRO B 185 17.28 -1.66 -9.22
C PRO B 185 18.52 -2.04 -10.03
N ILE B 186 18.26 -2.40 -11.30
CA ILE B 186 19.32 -2.70 -12.26
C ILE B 186 19.97 -1.41 -12.75
N SER B 187 21.30 -1.40 -12.84
CA SER B 187 22.04 -0.33 -13.52
C SER B 187 22.57 -0.84 -14.84
N VAL B 188 22.49 0.01 -15.87
CA VAL B 188 23.05 -0.29 -17.19
C VAL B 188 23.82 0.95 -17.63
N PRO B 189 24.96 0.78 -18.29
CA PRO B 189 25.69 1.95 -18.78
C PRO B 189 24.77 2.84 -19.62
N PRO B 190 24.95 4.16 -19.53
CA PRO B 190 26.02 4.87 -18.83
C PRO B 190 25.61 5.36 -17.44
N SER B 191 24.78 4.61 -16.72
CA SER B 191 24.16 5.15 -15.50
C SER B 191 24.16 4.20 -14.30
N THR B 192 24.02 4.80 -13.12
CA THR B 192 23.88 4.07 -11.86
C THR B 192 22.55 4.45 -11.22
N ASN B 193 21.75 3.44 -10.86
CA ASN B 193 20.44 3.64 -10.25
C ASN B 193 20.44 3.17 -8.81
N HIS B 194 19.77 3.92 -7.95
CA HIS B 194 19.70 3.61 -6.52
C HIS B 194 18.36 4.02 -5.97
N THR B 195 17.75 3.15 -5.17
CA THR B 195 16.52 3.47 -4.48
C THR B 195 16.80 3.97 -3.08
N VAL B 196 16.26 5.13 -2.77
CA VAL B 196 16.32 5.72 -1.44
C VAL B 196 14.96 5.46 -0.79
N TYR B 197 14.96 4.74 0.33
CA TYR B 197 13.72 4.43 1.03
C TYR B 197 13.40 5.58 1.99
N ARG B 198 12.80 6.64 1.44
CA ARG B 198 12.45 7.85 2.19
C ARG B 198 11.33 7.55 3.17
N GLY B 199 11.37 8.18 4.34
CA GLY B 199 10.18 8.22 5.17
C GLY B 199 9.10 9.05 4.48
N LEU B 200 7.86 8.95 4.96
CA LEU B 200 6.78 9.78 4.41
C LEU B 200 6.99 11.23 4.82
N GLU B 201 6.66 12.14 3.92
N GLU B 201 6.60 12.17 3.96
CA GLU B 201 6.80 13.55 4.18
CA GLU B 201 6.93 13.59 4.17
C GLU B 201 5.57 14.01 4.94
C GLU B 201 5.88 14.39 4.96
N GLY B 202 5.77 14.47 6.17
N GLY B 202 5.83 14.17 6.26
CA GLY B 202 4.65 14.79 7.05
CA GLY B 202 4.83 14.77 7.13
C GLY B 202 4.81 14.04 8.35
C GLY B 202 4.88 14.03 8.44
N PHE B 203 3.70 13.79 9.05
N PHE B 203 3.74 13.79 9.08
CA PHE B 203 3.74 12.98 10.28
CA PHE B 203 3.74 12.98 10.31
C PHE B 203 2.72 11.87 10.19
C PHE B 203 2.71 11.87 10.20
N VAL B 204 2.94 10.83 10.99
CA VAL B 204 2.03 9.70 11.08
C VAL B 204 1.34 9.71 12.44
N ALA B 205 0.03 9.47 12.44
CA ALA B 205 -0.72 9.32 13.67
C ALA B 205 -0.89 7.84 13.99
N ALA B 206 -0.46 7.43 15.18
CA ALA B 206 -0.58 6.03 15.62
C ALA B 206 -1.62 5.94 16.72
N ILE B 207 -2.59 5.06 16.54
CA ILE B 207 -3.72 4.92 17.47
C ILE B 207 -3.83 3.46 17.87
N SER B 208 -3.50 3.15 19.12
CA SER B 208 -3.34 1.77 19.56
C SER B 208 -4.43 1.30 20.53
N PRO B 209 -4.67 -0.01 20.60
CA PRO B 209 -5.77 -0.56 21.40
C PRO B 209 -5.31 -1.06 22.77
N PHE B 210 -6.27 -1.35 23.63
CA PHE B 210 -5.95 -1.75 25.00
C PHE B 210 -5.33 -3.13 25.10
N ASN B 211 -5.63 -3.99 24.12
CA ASN B 211 -5.54 -5.42 24.38
C ASN B 211 -4.19 -6.06 24.19
N PHE B 212 -3.30 -5.36 23.51
CA PHE B 212 -1.91 -5.82 23.39
C PHE B 212 -0.96 -4.66 23.55
N THR B 213 -0.12 -4.73 24.58
CA THR B 213 0.94 -3.76 24.76
C THR B 213 1.83 -3.68 23.52
N ALA B 214 2.09 -4.83 22.90
CA ALA B 214 2.99 -4.91 21.76
C ALA B 214 2.47 -4.13 20.55
N ILE B 215 1.16 -4.09 20.36
CA ILE B 215 0.60 -3.43 19.20
C ILE B 215 0.90 -1.93 19.21
N GLY B 216 0.81 -1.31 20.38
CA GLY B 216 1.16 0.09 20.52
C GLY B 216 2.61 0.36 20.13
N GLY B 217 3.49 -0.49 20.63
CA GLY B 217 4.90 -0.37 20.31
C GLY B 217 5.15 -0.47 18.81
N ASN B 218 4.45 -1.39 18.15
CA ASN B 218 4.61 -1.56 16.71
C ASN B 218 3.95 -0.44 15.89
N LEU B 219 2.75 -0.02 16.26
CA LEU B 219 2.05 1.01 15.51
C LEU B 219 2.82 2.33 15.48
N ALA B 220 3.45 2.68 16.59
CA ALA B 220 4.28 3.88 16.65
C ALA B 220 5.71 3.60 16.18
N GLY B 221 6.22 2.43 16.54
CA GLY B 221 7.62 2.09 16.31
C GLY B 221 7.98 1.79 14.87
N ALA B 222 7.14 1.04 14.17
CA ALA B 222 7.45 0.69 12.79
C ALA B 222 7.55 1.91 11.85
N PRO B 223 6.59 2.86 11.93
CA PRO B 223 6.77 4.05 11.10
C PRO B 223 8.02 4.85 11.51
N ALA B 224 8.31 4.96 12.82
CA ALA B 224 9.50 5.67 13.24
C ALA B 224 10.77 5.02 12.70
N LEU B 225 10.82 3.69 12.73
CA LEU B 225 11.95 2.96 12.16
C LEU B 225 12.24 3.36 10.72
N MET B 226 11.17 3.61 9.96
CA MET B 226 11.30 3.94 8.55
C MET B 226 11.50 5.43 8.27
N GLY B 227 11.85 6.19 9.31
CA GLY B 227 12.20 7.59 9.11
C GLY B 227 11.06 8.56 9.28
N ASN B 228 9.94 8.07 9.79
CA ASN B 228 8.81 8.93 10.07
C ASN B 228 8.85 9.53 11.47
N VAL B 229 8.07 10.59 11.65
CA VAL B 229 7.78 11.11 12.97
C VAL B 229 6.30 10.87 13.27
N VAL B 230 5.99 10.70 14.55
CA VAL B 230 4.73 10.08 14.94
C VAL B 230 4.11 10.78 16.14
N LEU B 231 2.80 11.01 16.07
CA LEU B 231 2.01 11.27 17.26
C LEU B 231 1.33 9.99 17.68
N TRP B 232 1.70 9.48 18.85
CA TRP B 232 1.14 8.24 19.37
C TRP B 232 0.10 8.54 20.42
N LYS B 233 -1.15 8.21 20.11
CA LYS B 233 -2.24 8.21 21.07
C LYS B 233 -2.42 6.78 21.59
N PRO B 234 -1.86 6.48 22.77
CA PRO B 234 -2.02 5.13 23.30
C PRO B 234 -3.43 4.92 23.88
N SER B 235 -3.77 3.66 24.12
CA SER B 235 -5.06 3.33 24.71
C SER B 235 -5.12 3.72 26.18
N ASP B 236 -6.19 4.42 26.57
CA ASP B 236 -6.40 4.80 27.97
C ASP B 236 -6.24 3.60 28.90
N THR B 237 -6.77 2.45 28.48
CA THR B 237 -6.82 1.28 29.35
C THR B 237 -5.55 0.44 29.28
N ALA B 238 -4.53 0.94 28.58
CA ALA B 238 -3.19 0.32 28.57
C ALA B 238 -2.11 1.37 28.82
N MET B 239 -2.48 2.47 29.47
CA MET B 239 -1.55 3.60 29.58
C MET B 239 -0.25 3.27 30.32
N LEU B 240 -0.38 2.58 31.46
CA LEU B 240 0.77 2.26 32.30
C LEU B 240 1.85 1.51 31.52
N ALA B 241 1.47 0.41 30.85
CA ALA B 241 2.44 -0.34 30.07
C ALA B 241 2.91 0.42 28.83
N SER B 242 2.02 1.19 28.21
CA SER B 242 2.39 1.94 27.01
C SER B 242 3.47 2.96 27.31
N TYR B 243 3.32 3.68 28.42
CA TYR B 243 4.33 4.66 28.81
C TYR B 243 5.66 3.98 29.15
N ALA B 244 5.60 2.80 29.75
CA ALA B 244 6.82 2.04 30.04
C ALA B 244 7.59 1.75 28.75
N VAL B 245 6.87 1.33 27.71
CA VAL B 245 7.49 1.10 26.41
C VAL B 245 8.06 2.39 25.81
N TYR B 246 7.30 3.48 25.91
CA TYR B 246 7.76 4.77 25.43
C TYR B 246 9.08 5.16 26.10
N ARG B 247 9.13 5.06 27.41
CA ARG B 247 10.35 5.43 28.15
C ARG B 247 11.54 4.56 27.74
N ILE B 248 11.30 3.27 27.53
CA ILE B 248 12.35 2.37 27.09
C ILE B 248 12.90 2.81 25.72
N LEU B 249 12.01 3.20 24.80
CA LEU B 249 12.45 3.65 23.49
C LEU B 249 13.34 4.90 23.60
N ARG B 250 12.93 5.85 24.45
CA ARG B 250 13.74 7.04 24.65
C ARG B 250 15.10 6.69 25.25
N GLU B 251 15.12 5.80 26.25
CA GLU B 251 16.37 5.40 26.88
C GLU B 251 17.28 4.65 25.91
N ALA B 252 16.68 3.97 24.94
CA ALA B 252 17.42 3.21 23.93
C ALA B 252 17.98 4.12 22.84
N GLY B 253 17.68 5.41 22.94
CA GLY B 253 18.29 6.38 22.04
C GLY B 253 17.36 7.04 21.03
N LEU B 254 16.06 6.80 21.12
CA LEU B 254 15.16 7.50 20.22
C LEU B 254 15.24 9.00 20.50
N PRO B 255 15.56 9.81 19.47
CA PRO B 255 15.72 11.25 19.70
C PRO B 255 14.40 11.93 20.06
N PRO B 256 14.47 13.13 20.66
CA PRO B 256 13.23 13.86 20.94
C PRO B 256 12.46 14.21 19.65
N ASN B 257 11.14 14.29 19.81
CA ASN B 257 10.23 14.71 18.73
C ASN B 257 10.05 13.71 17.60
N ILE B 258 10.56 12.50 17.78
CA ILE B 258 10.31 11.45 16.79
C ILE B 258 9.02 10.69 17.09
N ILE B 259 8.79 10.35 18.35
CA ILE B 259 7.49 9.85 18.80
C ILE B 259 7.02 10.76 19.92
N GLN B 260 5.89 11.44 19.71
CA GLN B 260 5.27 12.27 20.74
C GLN B 260 4.25 11.40 21.46
N PHE B 261 4.34 11.37 22.79
CA PHE B 261 3.46 10.53 23.60
C PHE B 261 2.26 11.37 24.00
N VAL B 262 1.15 11.18 23.29
CA VAL B 262 0.02 12.08 23.40
C VAL B 262 -1.32 11.37 23.56
N PRO B 263 -1.56 10.82 24.76
CA PRO B 263 -2.93 10.40 25.11
C PRO B 263 -3.91 11.54 24.84
N ALA B 264 -5.13 11.20 24.43
CA ALA B 264 -6.09 12.22 24.04
C ALA B 264 -7.47 11.58 23.92
N ASP B 265 -8.49 12.41 23.99
CA ASP B 265 -9.83 11.98 23.63
C ASP B 265 -9.79 11.50 22.17
N GLY B 266 -10.41 10.36 21.88
CA GLY B 266 -10.32 9.77 20.56
C GLY B 266 -10.79 10.68 19.43
N PRO B 267 -12.04 11.15 19.52
CA PRO B 267 -12.54 12.03 18.46
C PRO B 267 -11.71 13.30 18.33
N THR B 268 -11.28 13.88 19.46
CA THR B 268 -10.47 15.08 19.43
C THR B 268 -9.14 14.85 18.71
N PHE B 269 -8.49 13.72 19.01
CA PHE B 269 -7.23 13.37 18.37
C PHE B 269 -7.44 13.21 16.86
N GLY B 270 -8.47 12.47 16.47
CA GLY B 270 -8.74 12.26 15.07
C GLY B 270 -9.03 13.57 14.33
N ASP B 271 -9.83 14.43 14.96
CA ASP B 271 -10.17 15.73 14.38
C ASP B 271 -8.89 16.54 14.13
N THR B 272 -8.02 16.56 15.13
CA THR B 272 -6.80 17.36 15.03
C THR B 272 -5.86 16.85 13.95
N VAL B 273 -5.55 15.55 13.97
CA VAL B 273 -4.58 15.06 13.00
C VAL B 273 -5.11 15.13 11.56
N THR B 274 -6.40 14.88 11.36
CA THR B 274 -6.97 14.95 10.01
C THR B 274 -7.20 16.38 9.53
N SER B 275 -7.00 17.34 10.42
CA SER B 275 -7.09 18.75 10.05
C SER B 275 -5.74 19.35 9.67
N SER B 276 -4.66 18.57 9.82
CA SER B 276 -3.33 19.07 9.49
C SER B 276 -2.95 18.78 8.05
N GLU B 277 -2.50 19.80 7.33
CA GLU B 277 -2.03 19.60 5.96
C GLU B 277 -0.84 18.65 5.87
N HIS B 278 -0.19 18.39 7.00
CA HIS B 278 1.01 17.56 7.02
C HIS B 278 0.76 16.11 7.38
N LEU B 279 -0.49 15.71 7.56
CA LEU B 279 -0.77 14.30 7.84
C LEU B 279 -0.37 13.43 6.64
N CYS B 280 0.45 12.41 6.88
CA CYS B 280 0.77 11.51 5.78
CA CYS B 280 0.86 11.48 5.83
C CYS B 280 0.37 10.06 6.03
N GLY B 281 -0.05 9.75 7.25
CA GLY B 281 -0.46 8.39 7.53
C GLY B 281 -1.19 8.27 8.84
N ILE B 282 -2.07 7.28 8.90
CA ILE B 282 -2.69 6.87 10.14
C ILE B 282 -2.46 5.38 10.28
N ASN B 283 -1.89 4.98 11.41
CA ASN B 283 -1.65 3.57 11.69
C ASN B 283 -2.55 3.22 12.87
N PHE B 284 -3.63 2.52 12.56
CA PHE B 284 -4.75 2.35 13.48
C PHE B 284 -5.02 0.88 13.81
N THR B 285 -5.34 0.61 15.06
CA THR B 285 -5.94 -0.67 15.44
C THR B 285 -7.05 -0.39 16.45
N GLY B 286 -8.25 -0.90 16.15
CA GLY B 286 -9.43 -0.61 16.95
C GLY B 286 -10.69 -1.02 16.21
N SER B 287 -11.77 -0.25 16.36
CA SER B 287 -13.07 -0.64 15.81
C SER B 287 -13.26 -0.27 14.34
N VAL B 288 -14.12 -1.01 13.66
CA VAL B 288 -14.50 -0.69 12.28
C VAL B 288 -15.09 0.74 12.16
N PRO B 289 -16.06 1.11 13.03
CA PRO B 289 -16.65 2.45 12.85
C PRO B 289 -15.63 3.58 13.02
N THR B 290 -14.70 3.44 13.94
CA THR B 290 -13.72 4.50 14.14
C THR B 290 -12.76 4.61 12.94
N PHE B 291 -12.32 3.47 12.42
CA PHE B 291 -11.45 3.48 11.25
C PHE B 291 -12.17 4.13 10.06
N LYS B 292 -13.42 3.75 9.84
CA LYS B 292 -14.19 4.35 8.76
C LYS B 292 -14.34 5.86 8.93
N HIS B 293 -14.57 6.29 10.18
CA HIS B 293 -14.72 7.72 10.46
C HIS B 293 -13.44 8.47 10.10
N LEU B 294 -12.29 7.94 10.52
CA LEU B 294 -11.01 8.56 10.17
C LEU B 294 -10.80 8.62 8.66
N TRP B 295 -11.15 7.53 7.98
CA TRP B 295 -11.05 7.47 6.53
C TRP B 295 -11.88 8.58 5.89
N ARG B 296 -13.10 8.77 6.38
CA ARG B 296 -13.98 9.80 5.86
CA ARG B 296 -13.94 9.81 5.82
C ARG B 296 -13.50 11.22 6.19
N GLN B 297 -12.89 11.39 7.36
CA GLN B 297 -12.32 12.69 7.70
C GLN B 297 -11.17 13.06 6.76
N VAL B 298 -10.33 12.09 6.43
CA VAL B 298 -9.27 12.34 5.47
C VAL B 298 -9.84 12.69 4.10
N ALA B 299 -10.86 11.96 3.66
CA ALA B 299 -11.48 12.26 2.38
C ALA B 299 -12.08 13.67 2.36
N GLN B 300 -12.76 14.05 3.44
CA GLN B 300 -13.37 15.37 3.55
C GLN B 300 -12.31 16.46 3.40
N ASN B 301 -11.15 16.23 4.01
CA ASN B 301 -10.09 17.23 4.02
C ASN B 301 -9.04 17.03 2.94
N LEU B 302 -9.36 16.24 1.93
CA LEU B 302 -8.36 15.81 0.94
C LEU B 302 -7.67 16.97 0.24
N ASP B 303 -8.38 18.10 0.04
CA ASP B 303 -7.79 19.26 -0.63
C ASP B 303 -6.57 19.82 0.11
N ARG B 304 -6.60 19.78 1.43
CA ARG B 304 -5.57 20.49 2.20
C ARG B 304 -4.25 19.75 2.32
N PHE B 305 -4.28 18.42 2.22
CA PHE B 305 -3.05 17.66 2.48
C PHE B 305 -2.00 17.89 1.40
N ARG B 306 -0.75 17.97 1.83
CA ARG B 306 0.35 18.09 0.88
C ARG B 306 0.54 16.82 0.04
N THR B 307 0.19 15.65 0.59
CA THR B 307 0.16 14.44 -0.22
C THR B 307 -1.06 13.61 0.15
N PHE B 308 -1.16 12.40 -0.41
CA PHE B 308 -2.29 11.53 -0.14
C PHE B 308 -1.98 10.67 1.08
N PRO B 309 -2.74 10.87 2.18
CA PRO B 309 -2.40 10.10 3.38
C PRO B 309 -2.64 8.59 3.20
N ARG B 310 -1.83 7.80 3.90
CA ARG B 310 -1.93 6.35 3.88
C ARG B 310 -2.59 5.85 5.14
N LEU B 311 -3.73 5.20 4.99
CA LEU B 311 -4.45 4.65 6.14
C LEU B 311 -4.21 3.16 6.26
N ALA B 312 -3.78 2.73 7.44
CA ALA B 312 -3.62 1.32 7.75
C ALA B 312 -4.51 1.02 8.94
N GLY B 313 -5.32 -0.02 8.84
CA GLY B 313 -6.24 -0.36 9.91
C GLY B 313 -6.37 -1.85 10.14
N GLU B 314 -6.34 -2.23 11.41
CA GLU B 314 -6.72 -3.57 11.83
C GLU B 314 -7.95 -3.42 12.71
N CYS B 315 -9.05 -4.10 12.36
CA CYS B 315 -10.38 -3.77 12.89
C CYS B 315 -11.19 -4.88 13.53
N GLY B 316 -10.56 -5.99 13.86
CA GLY B 316 -11.24 -7.05 14.58
C GLY B 316 -11.82 -8.16 13.72
N GLY B 317 -12.49 -9.11 14.37
CA GLY B 317 -13.00 -10.28 13.68
C GLY B 317 -14.13 -10.97 14.41
N LYS B 318 -14.74 -11.94 13.74
CA LYS B 318 -15.68 -12.86 14.38
C LYS B 318 -15.18 -14.23 13.97
N ASN B 319 -14.22 -14.74 14.71
CA ASN B 319 -13.40 -15.84 14.23
C ASN B 319 -13.96 -17.21 14.55
N PHE B 320 -13.65 -18.17 13.67
CA PHE B 320 -14.24 -19.51 13.76
C PHE B 320 -13.25 -20.62 14.07
N HIS B 321 -13.75 -21.66 14.73
CA HIS B 321 -13.12 -22.98 14.71
C HIS B 321 -14.12 -23.91 14.04
N PHE B 322 -13.73 -24.49 12.91
CA PHE B 322 -14.59 -25.44 12.20
C PHE B 322 -14.05 -26.84 12.42
N VAL B 323 -14.92 -27.72 12.91
CA VAL B 323 -14.52 -29.08 13.24
C VAL B 323 -15.13 -30.05 12.22
N HIS B 324 -14.29 -30.89 11.64
CA HIS B 324 -14.73 -31.99 10.79
C HIS B 324 -14.77 -33.27 11.63
N SER B 325 -15.55 -34.25 11.20
CA SER B 325 -15.70 -35.48 11.97
C SER B 325 -14.38 -36.24 12.20
N SER B 326 -13.38 -35.97 11.38
CA SER B 326 -12.08 -36.63 11.47
C SER B 326 -11.13 -35.92 12.45
N ALA B 327 -11.63 -34.89 13.15
CA ALA B 327 -10.81 -34.11 14.08
C ALA B 327 -10.31 -34.89 15.27
N ASP B 328 -9.15 -34.48 15.79
CA ASP B 328 -8.68 -34.95 17.07
C ASP B 328 -9.47 -34.23 18.15
N VAL B 329 -10.28 -34.98 18.88
CA VAL B 329 -11.21 -34.40 19.84
C VAL B 329 -10.52 -33.57 20.93
N ASP B 330 -9.47 -34.11 21.54
CA ASP B 330 -8.79 -33.40 22.62
C ASP B 330 -8.16 -32.10 22.14
N SER B 331 -7.64 -32.09 20.92
CA SER B 331 -7.09 -30.87 20.32
C SER B 331 -8.15 -29.80 20.10
N VAL B 332 -9.31 -30.22 19.60
CA VAL B 332 -10.44 -29.32 19.43
C VAL B 332 -10.80 -28.68 20.77
N VAL B 333 -10.89 -29.49 21.81
CA VAL B 333 -11.32 -28.99 23.11
C VAL B 333 -10.30 -28.00 23.71
N SER B 334 -9.05 -28.40 23.79
CA SER B 334 -8.03 -27.55 24.40
CA SER B 334 -8.02 -27.55 24.38
C SER B 334 -7.80 -26.29 23.56
N GLY B 335 -7.70 -26.44 22.25
CA GLY B 335 -7.50 -25.30 21.37
C GLY B 335 -8.64 -24.30 21.41
N THR B 336 -9.86 -24.80 21.47
CA THR B 336 -11.03 -23.92 21.51
C THR B 336 -11.18 -23.21 22.85
N LEU B 337 -10.96 -23.93 23.95
CA LEU B 337 -10.99 -23.29 25.26
C LEU B 337 -9.96 -22.16 25.36
N ARG B 338 -8.75 -22.42 24.88
CA ARG B 338 -7.72 -21.39 24.89
C ARG B 338 -8.09 -20.21 24.00
N SER B 339 -8.49 -20.50 22.76
CA SER B 339 -8.78 -19.42 21.83
C SER B 339 -9.96 -18.57 22.28
N ALA B 340 -10.99 -19.21 22.82
CA ALA B 340 -12.18 -18.47 23.21
C ALA B 340 -12.02 -17.68 24.50
N PHE B 341 -11.23 -18.20 25.43
CA PHE B 341 -11.26 -17.67 26.80
C PHE B 341 -9.97 -17.05 27.33
N GLU B 342 -8.82 -17.31 26.71
CA GLU B 342 -7.60 -16.66 27.15
C GLU B 342 -7.76 -15.14 27.03
N TYR B 343 -7.22 -14.43 28.02
CA TYR B 343 -7.42 -12.98 28.15
C TYR B 343 -8.91 -12.61 28.04
N GLY B 344 -9.76 -13.49 28.55
CA GLY B 344 -11.19 -13.26 28.53
C GLY B 344 -11.79 -13.07 27.14
N GLY B 345 -11.17 -13.68 26.13
CA GLY B 345 -11.65 -13.55 24.77
C GLY B 345 -11.44 -12.16 24.17
N GLN B 346 -10.65 -11.33 24.83
CA GLN B 346 -10.44 -9.96 24.38
C GLN B 346 -9.32 -9.87 23.34
N LYS B 347 -9.45 -10.65 22.28
CA LYS B 347 -8.46 -10.65 21.21
C LYS B 347 -9.19 -10.56 19.89
N CYS B 348 -8.62 -9.80 18.95
CA CYS B 348 -9.20 -9.70 17.63
CA CYS B 348 -9.17 -9.70 17.61
C CYS B 348 -9.17 -11.04 16.91
N SER B 349 -8.36 -11.98 17.44
CA SER B 349 -8.19 -13.32 16.87
C SER B 349 -8.97 -14.41 17.60
N ALA B 350 -9.64 -14.08 18.71
CA ALA B 350 -10.30 -15.09 19.55
C ALA B 350 -11.41 -15.84 18.82
N CYS B 351 -11.48 -17.15 19.03
CA CYS B 351 -12.59 -17.93 18.51
C CYS B 351 -13.87 -17.60 19.26
N SER B 352 -14.90 -17.20 18.52
CA SER B 352 -16.20 -16.94 19.13
C SER B 352 -17.32 -17.73 18.48
N ARG B 353 -17.02 -18.45 17.40
CA ARG B 353 -17.98 -19.38 16.82
C ARG B 353 -17.32 -20.74 16.54
N LEU B 354 -17.94 -21.79 17.10
CA LEU B 354 -17.44 -23.15 16.96
C LEU B 354 -18.49 -23.95 16.19
N TYR B 355 -18.06 -24.62 15.13
CA TYR B 355 -18.94 -25.44 14.31
C TYR B 355 -18.57 -26.90 14.52
N VAL B 356 -19.51 -27.70 15.02
CA VAL B 356 -19.23 -29.09 15.40
C VAL B 356 -20.17 -30.05 14.67
N PRO B 357 -19.63 -31.16 14.11
CA PRO B 357 -20.51 -32.13 13.46
C PRO B 357 -21.28 -32.94 14.49
N LYS B 358 -22.51 -33.28 14.16
CA LYS B 358 -23.38 -34.03 15.07
C LYS B 358 -22.70 -35.28 15.65
N SER B 359 -21.96 -36.01 14.82
CA SER B 359 -21.32 -37.26 15.26
C SER B 359 -20.29 -37.09 16.37
N LEU B 360 -19.69 -35.90 16.48
CA LEU B 360 -18.69 -35.64 17.51
C LEU B 360 -19.22 -34.79 18.67
N TRP B 361 -20.44 -34.31 18.53
CA TRP B 361 -20.99 -33.38 19.54
C TRP B 361 -21.14 -33.98 20.95
N PRO B 362 -21.63 -35.23 21.08
CA PRO B 362 -21.64 -35.80 22.44
C PRO B 362 -20.26 -35.79 23.10
N GLN B 363 -19.23 -36.22 22.39
CA GLN B 363 -17.88 -36.21 22.95
C GLN B 363 -17.42 -34.79 23.28
N ILE B 364 -17.53 -33.89 22.31
CA ILE B 364 -17.03 -32.54 22.46
C ILE B 364 -17.80 -31.74 23.50
N LYS B 365 -19.13 -31.88 23.52
CA LYS B 365 -19.94 -31.18 24.51
C LYS B 365 -19.56 -31.62 25.93
N GLY B 366 -19.45 -32.93 26.15
CA GLY B 366 -19.08 -33.46 27.44
C GLY B 366 -17.73 -32.95 27.92
N ARG B 367 -16.76 -32.94 27.00
CA ARG B 367 -15.42 -32.49 27.33
C ARG B 367 -15.38 -30.99 27.64
N LEU B 368 -16.04 -30.19 26.82
CA LEU B 368 -16.11 -28.74 27.04
C LEU B 368 -16.71 -28.39 28.40
N LEU B 369 -17.80 -29.05 28.74
CA LEU B 369 -18.48 -28.79 30.00
C LEU B 369 -17.65 -29.20 31.21
N GLU B 370 -16.98 -30.35 31.10
CA GLU B 370 -16.12 -30.82 32.18
C GLU B 370 -14.95 -29.86 32.38
N GLU B 371 -14.28 -29.51 31.29
CA GLU B 371 -13.13 -28.62 31.39
C GLU B 371 -13.53 -27.21 31.84
N HIS B 372 -14.72 -26.77 31.43
CA HIS B 372 -15.24 -25.47 31.84
C HIS B 372 -15.26 -25.32 33.36
N SER B 373 -15.64 -26.38 34.05
CA SER B 373 -15.78 -26.34 35.50
C SER B 373 -14.43 -26.19 36.20
N ARG B 374 -13.36 -26.37 35.45
CA ARG B 374 -12.01 -26.28 36.01
C ARG B 374 -11.32 -24.95 35.72
N ILE B 375 -11.97 -24.10 34.92
CA ILE B 375 -11.39 -22.79 34.57
C ILE B 375 -11.49 -21.84 35.75
N LYS B 376 -10.33 -21.35 36.19
CA LYS B 376 -10.28 -20.44 37.33
C LYS B 376 -10.20 -18.99 36.85
N VAL B 377 -11.16 -18.19 37.30
CA VAL B 377 -11.18 -16.76 37.04
C VAL B 377 -10.86 -16.02 38.34
N GLY B 378 -9.88 -15.12 38.30
CA GLY B 378 -9.46 -14.44 39.50
C GLY B 378 -8.37 -13.41 39.28
N ASP B 379 -7.72 -13.02 40.37
CA ASP B 379 -6.68 -12.00 40.37
C ASP B 379 -5.38 -12.62 39.85
N PRO B 380 -4.88 -12.13 38.70
CA PRO B 380 -3.71 -12.76 38.06
C PRO B 380 -2.40 -12.43 38.77
N ALA B 381 -2.37 -11.34 39.54
CA ALA B 381 -1.17 -10.97 40.27
C ALA B 381 -1.05 -11.78 41.55
N GLU B 382 -2.18 -12.08 42.18
CA GLU B 382 -2.18 -12.80 43.46
C GLU B 382 -2.18 -14.30 43.26
N ASP B 383 -2.85 -14.76 42.22
CA ASP B 383 -3.04 -16.19 41.98
C ASP B 383 -2.56 -16.56 40.59
N PHE B 384 -1.36 -17.12 40.51
CA PHE B 384 -0.82 -17.55 39.22
C PHE B 384 -1.54 -18.76 38.65
N GLY B 385 -2.46 -19.35 39.42
CA GLY B 385 -3.30 -20.43 38.92
C GLY B 385 -4.46 -19.93 38.08
N THR B 386 -4.63 -18.62 38.04
CA THR B 386 -5.70 -17.98 37.27
C THR B 386 -5.61 -18.31 35.78
N PHE B 387 -6.71 -18.78 35.18
CA PHE B 387 -6.70 -18.99 33.73
C PHE B 387 -6.90 -17.67 32.99
N PHE B 388 -7.87 -16.88 33.42
CA PHE B 388 -8.03 -15.51 32.92
C PHE B 388 -8.72 -14.66 33.97
N SER B 389 -8.63 -13.35 33.82
CA SER B 389 -9.14 -12.42 34.82
C SER B 389 -10.27 -11.55 34.28
N ALA B 390 -10.54 -10.47 35.00
CA ALA B 390 -11.58 -9.52 34.62
C ALA B 390 -11.37 -8.96 33.22
N VAL B 391 -12.47 -8.58 32.58
CA VAL B 391 -12.40 -7.84 31.32
C VAL B 391 -11.97 -6.41 31.60
N ILE B 392 -11.69 -5.66 30.54
CA ILE B 392 -10.87 -4.46 30.66
C ILE B 392 -11.49 -3.28 31.40
N ASP B 393 -12.77 -3.02 31.19
CA ASP B 393 -13.38 -1.83 31.76
C ASP B 393 -14.90 -1.95 31.86
N ALA B 394 -15.51 -0.90 32.41
CA ALA B 394 -16.94 -0.89 32.65
C ALA B 394 -17.74 -1.03 31.36
N LYS B 395 -17.26 -0.40 30.30
CA LYS B 395 -17.98 -0.45 29.01
C LYS B 395 -17.97 -1.87 28.44
N ALA B 396 -16.83 -2.55 28.53
CA ALA B 396 -16.74 -3.92 28.04
C ALA B 396 -17.67 -4.82 28.84
N PHE B 397 -17.64 -4.65 30.16
CA PHE B 397 -18.48 -5.43 31.05
C PHE B 397 -19.95 -5.25 30.69
N ALA B 398 -20.38 -4.00 30.52
CA ALA B 398 -21.78 -3.73 30.18
C ALA B 398 -22.20 -4.37 28.86
N ARG B 399 -21.32 -4.31 27.85
CA ARG B 399 -21.62 -4.91 26.55
C ARG B 399 -21.77 -6.42 26.68
N ILE B 400 -20.83 -7.05 27.36
CA ILE B 400 -20.85 -8.50 27.53
C ILE B 400 -22.10 -8.93 28.29
N LYS B 401 -22.43 -8.20 29.36
CA LYS B 401 -23.62 -8.48 30.15
C LYS B 401 -24.89 -8.46 29.29
N LYS B 402 -24.96 -7.52 28.35
CA LYS B 402 -26.11 -7.43 27.46
C LYS B 402 -26.21 -8.64 26.53
N TRP B 403 -25.07 -9.12 26.06
CA TRP B 403 -25.06 -10.31 25.22
C TRP B 403 -25.45 -11.57 25.98
N LEU B 404 -25.04 -11.65 27.25
CA LEU B 404 -25.45 -12.76 28.09
C LEU B 404 -26.96 -12.74 28.30
N GLU B 405 -27.52 -11.55 28.48
CA GLU B 405 -28.96 -11.39 28.65
C GLU B 405 -29.69 -11.75 27.36
N HIS B 406 -29.09 -11.41 26.23
CA HIS B 406 -29.62 -11.77 24.92
C HIS B 406 -29.68 -13.30 24.80
N ALA B 407 -28.63 -13.96 25.26
CA ALA B 407 -28.56 -15.42 25.19
C ALA B 407 -29.63 -16.10 26.05
N ARG B 408 -30.09 -15.42 27.09
CA ARG B 408 -31.13 -15.97 27.96
C ARG B 408 -32.53 -15.71 27.41
N SER B 409 -32.67 -14.71 26.56
CA SER B 409 -33.99 -14.31 26.08
C SER B 409 -34.26 -14.73 24.64
N SER B 410 -33.23 -15.18 23.94
CA SER B 410 -33.39 -15.59 22.56
C SER B 410 -33.84 -17.04 22.43
N PRO B 411 -34.91 -17.29 21.66
CA PRO B 411 -35.43 -18.64 21.46
C PRO B 411 -34.45 -19.57 20.76
N SER B 412 -33.44 -19.02 20.09
CA SER B 412 -32.49 -19.82 19.33
C SER B 412 -31.24 -20.14 20.13
N LEU B 413 -31.09 -19.51 21.29
CA LEU B 413 -29.89 -19.66 22.10
C LEU B 413 -30.13 -20.35 23.42
N SER B 414 -29.14 -21.11 23.85
CA SER B 414 -29.17 -21.72 25.18
C SER B 414 -27.79 -21.67 25.81
N ILE B 415 -27.72 -21.21 27.05
CA ILE B 415 -26.46 -21.18 27.79
C ILE B 415 -26.15 -22.55 28.35
N LEU B 416 -25.04 -23.13 27.90
CA LEU B 416 -24.64 -24.47 28.33
C LEU B 416 -23.78 -24.44 29.58
N ALA B 417 -23.02 -23.36 29.75
CA ALA B 417 -22.12 -23.20 30.88
C ALA B 417 -21.81 -21.73 31.09
N GLY B 418 -21.60 -21.34 32.35
CA GLY B 418 -21.32 -19.96 32.68
C GLY B 418 -22.56 -19.10 32.61
N GLY B 419 -22.38 -17.81 32.33
CA GLY B 419 -23.47 -16.87 32.26
C GLY B 419 -23.46 -15.83 33.36
N GLN B 420 -22.63 -16.05 34.38
CA GLN B 420 -22.55 -15.17 35.54
C GLN B 420 -21.56 -14.02 35.33
N CYS B 421 -21.82 -12.90 35.99
CA CYS B 421 -20.85 -11.80 36.03
C CYS B 421 -21.06 -10.95 37.28
N ASN B 422 -20.00 -10.26 37.70
CA ASN B 422 -19.98 -9.51 38.95
C ASN B 422 -18.95 -8.39 38.84
N GLU B 423 -19.40 -7.14 38.90
CA GLU B 423 -18.48 -6.02 38.80
C GLU B 423 -18.26 -5.27 40.12
N SER B 424 -18.51 -5.93 41.24
CA SER B 424 -18.37 -5.29 42.54
C SER B 424 -16.90 -4.94 42.88
N VAL B 425 -15.97 -5.81 42.48
CA VAL B 425 -14.56 -5.62 42.81
C VAL B 425 -13.70 -5.43 41.57
N GLY B 426 -13.92 -6.28 40.58
CA GLY B 426 -13.31 -6.15 39.26
C GLY B 426 -14.38 -6.41 38.23
N TYR B 427 -14.06 -6.26 36.95
CA TYR B 427 -15.04 -6.49 35.90
C TYR B 427 -15.09 -7.97 35.52
N TYR B 428 -15.56 -8.80 36.45
CA TYR B 428 -15.45 -10.24 36.32
C TYR B 428 -16.61 -10.89 35.57
N VAL B 429 -16.27 -11.60 34.50
CA VAL B 429 -17.22 -12.37 33.71
C VAL B 429 -16.76 -13.81 33.63
N GLU B 430 -17.62 -14.75 34.00
CA GLU B 430 -17.30 -16.16 33.86
C GLU B 430 -17.23 -16.55 32.39
N PRO B 431 -16.44 -17.57 32.05
CA PRO B 431 -16.46 -18.04 30.66
C PRO B 431 -17.84 -18.60 30.35
N CYS B 432 -18.35 -18.31 29.16
CA CYS B 432 -19.71 -18.71 28.81
C CYS B 432 -19.72 -19.47 27.50
N ILE B 433 -20.38 -20.63 27.50
CA ILE B 433 -20.57 -21.42 26.30
C ILE B 433 -22.06 -21.47 26.00
N ILE B 434 -22.40 -21.07 24.76
CA ILE B 434 -23.79 -20.96 24.33
C ILE B 434 -23.98 -21.82 23.09
N GLU B 435 -25.10 -22.52 22.99
CA GLU B 435 -25.44 -23.21 21.76
C GLU B 435 -26.47 -22.42 20.98
N SER B 436 -26.23 -22.22 19.69
CA SER B 436 -27.22 -21.63 18.82
C SER B 436 -27.81 -22.67 17.86
N LYS B 437 -29.14 -22.66 17.74
CA LYS B 437 -29.80 -23.49 16.74
C LYS B 437 -29.88 -22.78 15.41
N ASP B 438 -29.48 -21.51 15.39
CA ASP B 438 -29.55 -20.67 14.20
C ASP B 438 -28.13 -20.23 13.82
N PRO B 439 -27.62 -20.72 12.69
CA PRO B 439 -26.24 -20.39 12.34
C PRO B 439 -26.06 -18.92 11.97
N GLN B 440 -27.16 -18.20 11.77
CA GLN B 440 -27.10 -16.77 11.43
C GLN B 440 -27.64 -15.86 12.53
N GLU B 441 -27.72 -16.38 13.75
CA GLU B 441 -28.14 -15.57 14.90
C GLU B 441 -27.19 -14.37 15.03
N PRO B 442 -27.69 -13.22 15.48
CA PRO B 442 -26.80 -12.07 15.69
C PRO B 442 -25.54 -12.37 16.51
N ILE B 443 -25.64 -13.26 17.50
CA ILE B 443 -24.48 -13.58 18.32
C ILE B 443 -23.39 -14.32 17.53
N MET B 444 -23.77 -14.87 16.37
CA MET B 444 -22.81 -15.51 15.48
C MET B 444 -22.11 -14.51 14.56
N LYS B 445 -22.57 -13.26 14.59
CA LYS B 445 -22.11 -12.24 13.64
C LYS B 445 -21.32 -11.11 14.29
N GLU B 446 -21.71 -10.70 15.49
CA GLU B 446 -21.17 -9.49 16.10
C GLU B 446 -20.02 -9.77 17.07
N GLU B 447 -18.96 -8.96 16.97
CA GLU B 447 -17.78 -9.13 17.82
C GLU B 447 -18.07 -8.66 19.24
N ILE B 448 -17.99 -9.59 20.20
CA ILE B 448 -18.29 -9.29 21.58
C ILE B 448 -17.07 -8.84 22.38
N PHE B 449 -15.91 -9.40 22.08
CA PHE B 449 -14.68 -9.09 22.82
C PHE B 449 -14.84 -9.43 24.30
N GLY B 450 -15.33 -10.64 24.54
CA GLY B 450 -15.52 -11.16 25.89
C GLY B 450 -15.47 -12.67 25.84
N PRO B 451 -15.56 -13.32 27.01
CA PRO B 451 -15.37 -14.78 27.07
C PRO B 451 -16.67 -15.51 26.75
N VAL B 452 -17.11 -15.36 25.51
CA VAL B 452 -18.42 -15.83 25.09
C VAL B 452 -18.32 -16.63 23.80
N LEU B 453 -18.44 -17.94 23.93
CA LEU B 453 -18.29 -18.86 22.80
C LEU B 453 -19.67 -19.37 22.38
N THR B 454 -19.98 -19.25 21.09
CA THR B 454 -21.23 -19.79 20.57
C THR B 454 -20.95 -20.99 19.68
N VAL B 455 -21.71 -22.07 19.89
CA VAL B 455 -21.52 -23.32 19.17
C VAL B 455 -22.71 -23.59 18.26
N TYR B 456 -22.43 -23.98 17.02
CA TYR B 456 -23.46 -24.44 16.10
C TYR B 456 -23.16 -25.88 15.70
N VAL B 457 -24.12 -26.77 15.92
CA VAL B 457 -23.96 -28.19 15.61
C VAL B 457 -24.61 -28.48 14.26
N TYR B 458 -23.81 -29.00 13.32
CA TYR B 458 -24.31 -29.26 11.97
C TYR B 458 -24.34 -30.76 11.67
N PRO B 459 -25.34 -31.22 10.89
CA PRO B 459 -25.35 -32.63 10.50
C PRO B 459 -24.12 -32.95 9.66
N ASP B 460 -23.47 -34.09 9.93
CA ASP B 460 -22.24 -34.46 9.22
C ASP B 460 -22.39 -34.34 7.71
N ASP B 461 -23.53 -34.76 7.19
CA ASP B 461 -23.71 -34.78 5.74
C ASP B 461 -23.91 -33.39 5.13
N LYS B 462 -23.98 -32.36 5.97
CA LYS B 462 -24.09 -30.99 5.47
C LYS B 462 -22.81 -30.19 5.67
N TYR B 463 -21.67 -30.88 5.76
CA TYR B 463 -20.40 -30.18 6.01
C TYR B 463 -20.08 -29.15 4.93
N ARG B 464 -20.43 -29.42 3.67
CA ARG B 464 -20.08 -28.51 2.57
C ARG B 464 -20.90 -27.22 2.64
N GLU B 465 -22.21 -27.36 2.82
CA GLU B 465 -23.08 -26.21 3.00
C GLU B 465 -22.67 -25.40 4.23
N THR B 466 -22.25 -26.09 5.28
CA THR B 466 -21.85 -25.43 6.51
C THR B 466 -20.56 -24.64 6.32
N LEU B 467 -19.60 -25.19 5.58
CA LEU B 467 -18.41 -24.42 5.22
C LEU B 467 -18.79 -23.12 4.50
N LYS B 468 -19.78 -23.17 3.61
CA LYS B 468 -20.23 -21.94 2.97
C LYS B 468 -20.78 -20.94 3.99
N LEU B 469 -21.53 -21.43 4.97
CA LEU B 469 -22.02 -20.57 6.04
C LEU B 469 -20.90 -19.97 6.88
N VAL B 470 -19.85 -20.74 7.14
CA VAL B 470 -18.71 -20.21 7.89
C VAL B 470 -18.17 -18.98 7.15
N ASP B 471 -18.09 -19.09 5.84
CA ASP B 471 -17.55 -18.04 4.99
C ASP B 471 -18.46 -16.81 4.84
N SER B 472 -19.78 -17.02 4.81
CA SER B 472 -20.70 -15.95 4.44
C SER B 472 -21.44 -15.29 5.60
N THR B 473 -21.41 -15.92 6.78
CA THR B 473 -22.26 -15.46 7.88
C THR B 473 -21.87 -14.09 8.43
N THR B 474 -20.57 -13.82 8.52
CA THR B 474 -20.11 -12.59 9.14
C THR B 474 -19.52 -11.63 8.11
N SER B 475 -19.19 -10.42 8.56
CA SER B 475 -18.59 -9.41 7.72
CA SER B 475 -18.59 -9.43 7.69
C SER B 475 -17.06 -9.46 7.77
N TYR B 476 -16.52 -10.37 8.58
CA TYR B 476 -15.10 -10.35 8.93
C TYR B 476 -14.25 -11.40 8.21
N GLY B 477 -12.93 -11.20 8.25
CA GLY B 477 -12.05 -12.12 7.58
C GLY B 477 -10.70 -12.30 8.26
N LEU B 478 -10.71 -12.36 9.58
CA LEU B 478 -9.45 -12.27 10.33
C LEU B 478 -8.82 -13.64 10.59
N THR B 479 -9.31 -14.38 11.58
CA THR B 479 -8.72 -15.69 11.84
C THR B 479 -9.72 -16.83 11.80
N GLY B 480 -9.21 -18.04 11.65
CA GLY B 480 -10.06 -19.21 11.66
C GLY B 480 -9.25 -20.48 11.63
N ALA B 481 -9.85 -21.55 12.11
CA ALA B 481 -9.18 -22.83 12.17
C ALA B 481 -10.08 -23.92 11.64
N VAL B 482 -9.46 -24.92 11.02
CA VAL B 482 -10.13 -26.16 10.68
C VAL B 482 -9.41 -27.31 11.41
N PHE B 483 -10.20 -28.12 12.10
CA PHE B 483 -9.69 -29.31 12.75
C PHE B 483 -10.17 -30.53 11.98
N ALA B 484 -9.22 -31.27 11.40
CA ALA B 484 -9.54 -32.40 10.53
C ALA B 484 -8.27 -33.21 10.28
N GLN B 485 -8.39 -34.53 10.13
CA GLN B 485 -7.23 -35.36 9.85
C GLN B 485 -7.37 -36.08 8.51
N ASP B 486 -8.29 -35.59 7.69
CA ASP B 486 -8.49 -36.09 6.34
C ASP B 486 -7.95 -35.05 5.36
N LYS B 487 -6.94 -35.44 4.58
CA LYS B 487 -6.23 -34.53 3.69
C LYS B 487 -7.13 -33.90 2.64
N ALA B 488 -8.01 -34.71 2.04
CA ALA B 488 -8.95 -34.21 1.04
C ALA B 488 -9.88 -33.15 1.63
N ILE B 489 -10.37 -33.40 2.84
CA ILE B 489 -11.23 -32.44 3.54
C ILE B 489 -10.48 -31.15 3.84
N VAL B 490 -9.24 -31.27 4.32
CA VAL B 490 -8.43 -30.09 4.61
C VAL B 490 -8.19 -29.28 3.34
N GLN B 491 -7.90 -29.95 2.24
CA GLN B 491 -7.68 -29.25 0.98
C GLN B 491 -8.94 -28.53 0.52
N GLU B 492 -10.08 -29.19 0.65
CA GLU B 492 -11.37 -28.61 0.29
C GLU B 492 -11.70 -27.41 1.16
N ALA B 493 -11.58 -27.57 2.47
CA ALA B 493 -11.90 -26.52 3.42
C ALA B 493 -10.99 -25.32 3.21
N THR B 494 -9.71 -25.60 2.94
CA THR B 494 -8.74 -24.55 2.68
C THR B 494 -9.14 -23.71 1.47
N ARG B 495 -9.54 -24.36 0.39
CA ARG B 495 -10.02 -23.63 -0.78
C ARG B 495 -11.29 -22.83 -0.47
N MET B 496 -12.24 -23.46 0.21
CA MET B 496 -13.52 -22.81 0.47
CA MET B 496 -13.54 -22.82 0.48
C MET B 496 -13.42 -21.61 1.42
N LEU B 497 -12.45 -21.65 2.32
CA LEU B 497 -12.31 -20.62 3.35
C LEU B 497 -11.19 -19.64 3.05
N ARG B 498 -10.70 -19.67 1.81
CA ARG B 498 -9.57 -18.85 1.37
C ARG B 498 -9.66 -17.38 1.79
N ASN B 499 -10.86 -16.79 1.68
CA ASN B 499 -11.05 -15.40 2.07
C ASN B 499 -11.82 -15.19 3.37
N ALA B 500 -12.07 -16.28 4.09
CA ALA B 500 -12.72 -16.19 5.39
C ALA B 500 -11.75 -15.88 6.53
N ALA B 501 -10.45 -16.07 6.29
CA ALA B 501 -9.43 -15.85 7.32
C ALA B 501 -8.10 -15.49 6.68
N GLY B 502 -7.52 -14.37 7.11
CA GLY B 502 -6.18 -13.98 6.69
C GLY B 502 -5.11 -14.73 7.46
N ASN B 503 -5.47 -15.21 8.65
CA ASN B 503 -4.64 -16.13 9.41
C ASN B 503 -5.44 -17.40 9.61
N PHE B 504 -5.06 -18.43 8.88
CA PHE B 504 -5.82 -19.67 8.80
C PHE B 504 -5.00 -20.80 9.41
N TYR B 505 -5.66 -21.60 10.23
CA TYR B 505 -4.97 -22.59 11.03
C TYR B 505 -5.52 -23.98 10.76
N ILE B 506 -4.62 -24.94 10.56
CA ILE B 506 -5.04 -26.32 10.42
CA ILE B 506 -5.02 -26.33 10.39
C ILE B 506 -4.56 -27.09 11.63
N ASN B 507 -5.52 -27.58 12.40
CA ASN B 507 -5.23 -28.33 13.63
C ASN B 507 -4.46 -27.51 14.66
N ASP B 508 -4.76 -26.23 14.73
CA ASP B 508 -4.26 -25.38 15.80
C ASP B 508 -5.30 -24.30 16.10
N LYS B 509 -5.14 -23.63 17.24
CA LYS B 509 -6.10 -22.60 17.64
C LYS B 509 -5.93 -21.30 16.84
N SER B 510 -6.97 -20.47 16.85
CA SER B 510 -7.03 -19.29 15.99
C SER B 510 -6.28 -18.08 16.54
N THR B 511 -5.78 -18.18 17.76
CA THR B 511 -5.03 -17.09 18.39
C THR B 511 -3.54 -17.40 18.42
N GLY B 512 -2.74 -16.40 18.79
CA GLY B 512 -1.33 -16.62 19.08
C GLY B 512 -0.38 -16.58 17.90
N SER B 513 -0.66 -15.71 16.93
CA SER B 513 0.28 -15.53 15.85
C SER B 513 1.63 -15.08 16.39
N VAL B 514 2.69 -15.54 15.74
CA VAL B 514 4.05 -15.23 16.16
C VAL B 514 4.75 -14.46 15.04
N VAL B 515 5.38 -13.35 15.41
CA VAL B 515 6.08 -12.50 14.46
C VAL B 515 7.11 -13.30 13.65
N GLY B 516 7.12 -13.10 12.34
CA GLY B 516 8.06 -13.80 11.48
C GLY B 516 7.61 -15.21 11.11
N GLN B 517 6.55 -15.68 11.74
CA GLN B 517 6.05 -17.04 11.54
C GLN B 517 4.63 -17.01 10.96
N GLN B 518 3.74 -16.25 11.61
CA GLN B 518 2.41 -15.99 11.07
C GLN B 518 2.13 -14.49 11.05
N PRO B 519 2.62 -13.80 10.00
CA PRO B 519 2.27 -12.38 9.83
C PRO B 519 0.76 -12.22 9.97
N PHE B 520 0.32 -11.18 10.66
CA PHE B 520 -1.06 -11.14 11.13
C PHE B 520 -1.92 -10.12 10.41
N GLY B 521 -3.13 -10.53 10.06
CA GLY B 521 -4.10 -9.60 9.51
C GLY B 521 -5.04 -10.27 8.55
N GLY B 522 -6.15 -9.61 8.25
CA GLY B 522 -7.11 -10.12 7.30
C GLY B 522 -7.91 -9.01 6.66
N ALA B 523 -8.67 -9.38 5.63
CA ALA B 523 -9.43 -8.40 4.85
C ALA B 523 -10.91 -8.45 5.21
N ARG B 524 -11.79 -8.30 4.22
CA ARG B 524 -13.20 -8.03 4.50
C ARG B 524 -13.29 -6.87 5.49
N ALA B 525 -14.15 -6.94 6.51
CA ALA B 525 -14.26 -5.82 7.45
C ALA B 525 -13.09 -5.74 8.45
N SER B 526 -12.19 -6.73 8.41
CA SER B 526 -11.11 -6.83 9.41
C SER B 526 -9.96 -5.85 9.18
N GLY B 527 -9.96 -5.13 8.06
CA GLY B 527 -8.99 -4.07 7.87
C GLY B 527 -8.30 -4.09 6.51
N THR B 528 -7.17 -3.41 6.45
CA THR B 528 -6.43 -3.21 5.21
C THR B 528 -5.42 -4.31 4.94
N ASN B 529 -5.24 -5.20 5.92
CA ASN B 529 -4.39 -6.37 5.82
C ASN B 529 -2.95 -6.11 5.38
N ASP B 530 -2.25 -5.29 6.15
CA ASP B 530 -0.88 -4.91 5.81
C ASP B 530 0.14 -5.86 6.43
N LYS B 531 -0.36 -6.87 7.14
CA LYS B 531 0.46 -7.96 7.66
C LYS B 531 1.65 -7.54 8.53
N PRO B 532 1.39 -6.77 9.60
CA PRO B 532 2.43 -6.61 10.61
C PRO B 532 2.90 -7.97 11.10
N GLY B 533 4.20 -8.11 11.32
CA GLY B 533 4.77 -9.40 11.65
C GLY B 533 5.43 -10.06 10.44
N GLY B 534 5.15 -9.53 9.25
CA GLY B 534 5.81 -9.99 8.05
C GLY B 534 6.73 -8.95 7.43
N PRO B 535 7.41 -9.32 6.36
CA PRO B 535 8.49 -8.51 5.77
C PRO B 535 8.00 -7.32 4.94
N HIS B 536 6.71 -7.23 4.67
CA HIS B 536 6.21 -6.20 3.78
C HIS B 536 5.53 -5.02 4.48
N TYR B 537 5.21 -5.21 5.76
CA TYR B 537 4.51 -4.17 6.53
C TYR B 537 5.22 -2.82 6.47
N ILE B 538 6.54 -2.83 6.60
CA ILE B 538 7.30 -1.58 6.64
C ILE B 538 7.18 -0.78 5.35
N LEU B 539 6.83 -1.46 4.25
CA LEU B 539 6.69 -0.78 2.96
C LEU B 539 5.56 0.26 2.95
N ARG B 540 4.58 0.10 3.83
CA ARG B 540 3.54 1.12 3.91
C ARG B 540 4.07 2.45 4.44
N TRP B 541 5.24 2.42 5.11
CA TRP B 541 5.75 3.61 5.80
C TRP B 541 6.97 4.23 5.13
N THR B 542 7.23 3.81 3.90
CA THR B 542 8.27 4.43 3.09
C THR B 542 7.67 4.85 1.74
N SER B 543 8.16 5.97 1.22
CA SER B 543 7.79 6.46 -0.10
C SER B 543 9.08 6.53 -0.92
N PRO B 544 9.37 5.48 -1.70
CA PRO B 544 10.71 5.40 -2.29
C PRO B 544 10.99 6.47 -3.34
N GLN B 545 12.25 6.87 -3.42
CA GLN B 545 12.76 7.72 -4.49
C GLN B 545 13.79 6.90 -5.25
N VAL B 546 13.84 7.03 -6.57
CA VAL B 546 14.89 6.42 -7.35
CA VAL B 546 14.92 6.42 -7.31
C VAL B 546 15.77 7.51 -7.95
N ILE B 547 17.07 7.39 -7.74
CA ILE B 547 18.04 8.32 -8.29
C ILE B 547 18.82 7.63 -9.42
N LYS B 548 18.83 8.26 -10.59
CA LYS B 548 19.66 7.82 -11.70
C LYS B 548 20.77 8.83 -11.91
N GLU B 549 22.02 8.39 -11.81
CA GLU B 549 23.15 9.25 -12.11
C GLU B 549 23.79 8.78 -13.40
N THR B 550 23.89 9.68 -14.36
CA THR B 550 24.46 9.35 -15.67
C THR B 550 25.87 9.89 -15.78
N HIS B 551 26.77 9.05 -16.26
CA HIS B 551 28.21 9.30 -16.16
C HIS B 551 28.87 9.71 -17.48
N LYS B 552 28.08 9.86 -18.54
CA LYS B 552 28.59 10.25 -19.84
C LYS B 552 27.72 11.37 -20.41
N PRO B 553 28.29 12.21 -21.31
CA PRO B 553 27.48 13.26 -21.93
C PRO B 553 26.31 12.67 -22.72
N LEU B 554 25.22 13.43 -22.86
CA LEU B 554 24.00 12.90 -23.49
C LEU B 554 24.00 12.76 -25.02
N GLY B 555 24.77 13.58 -25.73
CA GLY B 555 24.75 13.53 -27.18
C GLY B 555 23.62 14.36 -27.77
N ASP B 556 23.23 14.09 -29.01
CA ASP B 556 22.24 14.93 -29.69
C ASP B 556 20.80 14.62 -29.28
N TRP B 557 19.91 15.56 -29.54
CA TRP B 557 18.49 15.33 -29.29
C TRP B 557 17.83 14.48 -30.37
N ARG B 558 18.39 14.50 -31.57
CA ARG B 558 17.88 13.69 -32.67
C ARG B 558 18.21 12.20 -32.48
N TYR B 559 17.51 11.35 -33.22
CA TYR B 559 17.79 9.92 -33.22
C TYR B 559 18.28 9.51 -34.61
N SER B 560 19.06 8.45 -34.66
CA SER B 560 19.66 8.01 -35.93
CA SER B 560 19.66 7.99 -35.92
C SER B 560 18.63 7.68 -37.01
N TYR B 561 17.49 7.10 -36.63
CA TYR B 561 16.47 6.73 -37.61
C TYR B 561 15.85 7.96 -38.31
N MET B 562 16.03 9.14 -37.72
CA MET B 562 15.44 10.37 -38.25
C MET B 562 16.23 10.92 -39.44
N GLN B 563 17.46 10.44 -39.62
CA GLN B 563 18.36 10.95 -40.65
C GLN B 563 18.04 10.41 -42.03
N PRO C . -17.37 -1.63 4.48
CA PRO C . -17.64 -2.63 5.52
C PRO C . -18.35 -1.98 6.70
O PRO C . -18.50 -0.75 6.69
CB PRO C . -16.25 -3.09 5.94
CG PRO C . -15.34 -2.68 4.81
CD PRO C . -15.92 -1.40 4.32
OXT PRO C . -18.77 -2.65 7.64
N PRO D . -7.04 15.16 -23.64
CA PRO D . -8.26 15.40 -22.88
C PRO D . -8.16 16.67 -22.05
O PRO D . -7.20 17.42 -22.17
CB PRO D . -8.39 14.15 -21.99
CG PRO D . -7.12 13.36 -22.20
CD PRO D . -6.60 13.77 -23.54
OXT PRO D . -9.05 16.99 -21.26
N PRO E . 12.13 -18.23 4.49
CA PRO E . 12.00 -19.28 5.51
C PRO E . 13.35 -19.59 6.12
O PRO E . 14.33 -18.89 5.83
CB PRO E . 11.51 -20.47 4.70
CG PRO E . 12.17 -20.30 3.38
CD PRO E . 12.26 -18.79 3.14
OXT PRO E . 13.51 -20.53 6.90
N PRO F . 7.36 6.58 -17.26
CA PRO F . 7.37 7.69 -18.20
C PRO F . 8.66 8.50 -18.13
O PRO F . 9.46 8.34 -17.20
CB PRO F . 6.19 8.54 -17.72
CG PRO F . 5.23 7.54 -17.18
CD PRO F . 6.08 6.45 -16.55
OXT PRO F . 8.92 9.32 -19.01
C1 16P G . -18.35 8.18 -40.70
C2 16P G . -17.61 6.97 -40.22
O1 16P G . -16.58 6.66 -41.11
C3 16P G . -15.53 5.79 -40.73
C4 16P G . -15.92 4.37 -40.99
O2 16P G . -16.41 3.79 -39.78
C5 16P G . -16.84 2.43 -39.79
C6 16P G . -18.19 2.37 -40.42
O3 16P G . -19.09 3.15 -39.68
C7 16P G . -20.14 3.81 -40.33
C8 16P G . -20.98 4.53 -39.33
O4 16P G . -21.55 3.65 -38.44
C9 16P G . -22.05 4.14 -37.23
C10 16P G . -22.94 3.11 -36.59
O5 16P G . -22.15 2.10 -35.94
C11 16P G . -22.83 1.02 -35.30
C12 16P G . -21.82 0.07 -34.67
O6 16P G . -21.27 -0.73 -35.67
C13 16P G . -20.48 -1.83 -35.33
C1 PGE H . -10.59 11.27 -45.53
O1 PGE H . -10.08 12.54 -45.72
C2 PGE H . -11.98 11.18 -45.00
O2 PGE H . -12.65 9.99 -45.17
C3 PGE H . -13.87 10.00 -45.79
C4 PGE H . -14.83 11.09 -45.42
O4 PGE H . -18.23 10.59 -42.88
C6 PGE H . -18.33 11.04 -44.19
C5 PGE H . -17.08 11.56 -44.81
O3 PGE H . -15.99 10.71 -44.80
N PRO I . -4.18 17.25 -1.62
CA PRO I . -3.56 17.93 -2.76
C PRO I . -4.63 18.53 -3.64
O PRO I . -5.81 18.30 -3.39
CB PRO I . -2.83 16.81 -3.49
CG PRO I . -2.66 15.73 -2.50
CD PRO I . -3.90 15.80 -1.67
OXT PRO I . -4.35 19.22 -4.61
N PRO J . -13.42 -0.96 26.30
CA PRO J . -14.13 0.16 25.67
C PRO J . -15.45 -0.29 25.05
O PRO J . -15.86 -1.44 25.20
CB PRO J . -13.15 0.65 24.59
CG PRO J . -11.97 -0.32 24.63
CD PRO J . -11.98 -0.93 25.99
OXT PRO J . -16.12 0.49 24.37
N PRO K . -1.74 -11.19 17.13
CA PRO K . -2.63 -11.66 18.18
C PRO K . -3.08 -13.10 17.97
O PRO K . -2.86 -13.71 16.91
CB PRO K . -3.83 -10.71 18.06
CG PRO K . -3.20 -9.42 17.64
CD PRO K . -2.04 -9.79 16.74
OXT PRO K . -3.67 -13.70 18.86
#